data_2X5I
#
_entry.id   2X5I
#
_cell.length_a   297.100
_cell.length_b   297.700
_cell.length_c   300.600
_cell.angle_alpha   119.00
_cell.angle_beta   100.10
_cell.angle_gamma   108.40
#
_symmetry.space_group_name_H-M   'P 1'
#
loop_
_entity.id
_entity.type
_entity.pdbx_description
1 polymer VP1
2 polymer VP2
3 polymer VP3
4 polymer VP4
5 non-polymer 'LAURIC ACID'
#
loop_
_entity_poly.entity_id
_entity_poly.type
_entity_poly.pdbx_seq_one_letter_code
_entity_poly.pdbx_strand_id
1 'polypeptide(L)'
;GDTETAIDNAIARVADTVASGPSNSTSIPALTAVETGHTSQVEPSDTMQTRHVKNYHSRSESTVENFLSRSACVYIEEYY
TKDQDNVNRYMSWTINARRMVQLRRKFELFTYMRFDMEITFVITSRQLPGTSIAQDMPPLTHQIMYIPPGGPVPNSVTDF
AWQTSTNPSIFWTEGNAPPRMSIPFISIGNAYSNFYDGWSHFSQNGVYGYNALNNMGKLYARHVNKDTPYQMSSTIRVYF
KPKHIRVWVPRPPRLSPYIKSSNVNFNPTNLTDERSSITYVPDTIRPDVRTN
;
A
2 'polypeptide(L)'
;PSAEECGYSDRVRSLTLGNSTITTQESANVVVGYGRWPEYLRDDEATAEDQPTQPDVATCRFYTLESVQWEKNSAGWWWK
FPEALKDMGLFGQNMLYHYLGRAGYTIHVQCNASKFHQGCLLVVCVPEAEMGCSQTDKEVAAMNLTKGEAAHKFEPTKTN
GEHTVQSIVCNAGMGVGVGNLTIYPHQWINLRTNNCATIVMPYVNSVPMDNMFRHYNFTLMVIPFAPLDYAAQASEYVPV
TVTIAPMCAEYNGLRLAYQQ
;
B
3 'polypeptide(L)'
;GLPVLNTPGSNQFMTSDDFQSPSAMPQFDVTPHMDIPGEVHNLMEIAEVDSVVPVNNIKANLQSMDAYHIEVNTGNYQGE
KIFAFQMQPGLESVFKRTLMGEILNYYAHWSGSIKLTFTFCGSAMATGKLLLAYSPPGADVPATRKQAMLGTHMIWDIGL
QSSCVLCIPWISQTHYRLVQQDEYTSAGNVTCWYQTGIVVPPGTPNKCVVLCFASACNDFSVRMLRDTPFIGQTALLQ
;
C
4 'polypeptide(L)' MGAQVSTQKTGAHETGLNASGNSIIHYTNINYYKDAASNSANRQDFTQDPGKFTEPVKDIMIKTMPALNS D
#
loop_
_chem_comp.id
_chem_comp.type
_chem_comp.name
_chem_comp.formula
DAO non-polymer 'LAURIC ACID' 'C12 H24 O2'
#
# COMPACT_ATOMS: atom_id res chain seq x y z
N ILE A 11 7.43 9.98 23.67
CA ILE A 11 6.36 8.95 23.58
C ILE A 11 6.41 8.21 22.24
N ALA A 12 6.34 8.96 21.14
CA ALA A 12 6.41 8.38 19.79
C ALA A 12 7.80 8.69 19.26
N ARG A 13 8.73 8.90 20.19
CA ARG A 13 10.11 9.22 19.87
C ARG A 13 10.78 8.24 18.91
N VAL A 14 11.87 8.70 18.30
CA VAL A 14 12.63 7.90 17.36
C VAL A 14 13.84 7.27 18.05
N ALA A 15 14.35 6.18 17.47
CA ALA A 15 15.49 5.49 18.04
C ALA A 15 16.75 6.34 18.01
N ASP A 16 17.54 6.24 19.08
CA ASP A 16 18.79 6.99 19.20
C ASP A 16 19.91 6.18 18.55
N THR A 17 21.03 6.82 18.28
CA THR A 17 22.15 6.13 17.66
C THR A 17 23.26 5.87 18.66
N VAL A 18 23.46 4.59 18.98
CA VAL A 18 24.48 4.19 19.93
C VAL A 18 25.87 4.49 19.36
N ALA A 19 26.79 4.90 20.23
CA ALA A 19 28.14 5.21 19.81
C ALA A 19 28.86 3.90 19.49
N SER A 20 29.34 3.78 18.25
CA SER A 20 30.05 2.58 17.83
C SER A 20 31.52 2.88 17.52
N GLY A 21 32.37 1.89 17.74
CA GLY A 21 33.79 2.07 17.48
C GLY A 21 34.28 1.09 16.43
N PRO A 22 35.61 0.91 16.31
CA PRO A 22 36.17 -0.03 15.32
C PRO A 22 35.59 -1.42 15.49
N SER A 23 35.78 -2.27 14.49
CA SER A 23 35.26 -3.63 14.54
C SER A 23 36.13 -4.58 13.71
N ASN A 24 36.06 -5.86 14.04
CA ASN A 24 36.82 -6.89 13.35
C ASN A 24 36.43 -8.25 13.93
N SER A 25 35.22 -8.71 13.60
CA SER A 25 34.74 -9.98 14.10
C SER A 25 33.97 -10.76 13.06
N THR A 26 33.35 -11.86 13.49
CA THR A 26 32.57 -12.69 12.58
C THR A 26 31.13 -12.20 12.52
N SER A 27 30.88 -11.04 13.12
CA SER A 27 29.54 -10.46 13.11
C SER A 27 29.28 -9.89 11.73
N ILE A 28 28.20 -10.34 11.11
CA ILE A 28 27.85 -9.86 9.77
C ILE A 28 26.45 -9.26 9.71
N PRO A 29 26.28 -8.06 10.32
CA PRO A 29 24.99 -7.37 10.32
C PRO A 29 24.66 -6.79 8.95
N ALA A 30 25.70 -6.51 8.17
CA ALA A 30 25.54 -5.95 6.83
C ALA A 30 25.13 -7.03 5.83
N LEU A 31 25.56 -8.26 6.06
CA LEU A 31 25.22 -9.37 5.17
C LEU A 31 23.89 -10.00 5.57
N THR A 32 23.08 -10.33 4.57
CA THR A 32 21.78 -10.94 4.82
C THR A 32 21.26 -11.64 3.56
N ALA A 33 19.96 -11.88 3.52
CA ALA A 33 19.32 -12.54 2.38
C ALA A 33 17.86 -12.12 2.28
N VAL A 34 17.56 -11.24 1.33
CA VAL A 34 16.21 -10.74 1.12
C VAL A 34 15.23 -11.84 0.72
N GLU A 35 15.76 -12.98 0.28
CA GLU A 35 14.93 -14.10 -0.13
C GLU A 35 13.98 -14.53 0.97
N THR A 36 14.38 -14.29 2.21
CA THR A 36 13.57 -14.67 3.36
C THR A 36 12.33 -13.79 3.48
N GLY A 37 12.34 -12.66 2.77
CA GLY A 37 11.21 -11.75 2.83
C GLY A 37 11.33 -10.88 4.07
N HIS A 38 12.52 -10.90 4.67
CA HIS A 38 12.80 -10.13 5.87
C HIS A 38 13.58 -8.85 5.54
N THR A 39 13.06 -7.72 6.01
CA THR A 39 13.69 -6.42 5.77
C THR A 39 14.80 -6.18 6.78
N SER A 40 16.02 -5.98 6.28
CA SER A 40 17.18 -5.74 7.12
C SER A 40 16.92 -4.70 8.21
N GLN A 41 17.30 -5.03 9.44
CA GLN A 41 17.10 -4.13 10.57
C GLN A 41 18.42 -3.47 10.97
N VAL A 42 19.25 -3.19 9.97
CA VAL A 42 20.55 -2.55 10.21
C VAL A 42 20.43 -1.05 10.40
N GLU A 43 21.40 -0.47 11.09
CA GLU A 43 21.44 0.97 11.34
C GLU A 43 22.89 1.43 11.17
N PRO A 44 23.10 2.74 10.98
CA PRO A 44 24.45 3.29 10.80
C PRO A 44 25.53 2.74 11.73
N SER A 45 25.21 2.61 13.01
CA SER A 45 26.16 2.11 13.99
C SER A 45 26.66 0.69 13.72
N ASP A 46 25.96 -0.03 12.83
CA ASP A 46 26.35 -1.40 12.49
C ASP A 46 27.36 -1.49 11.36
N THR A 47 27.46 -0.45 10.55
CA THR A 47 28.38 -0.47 9.42
C THR A 47 29.39 0.68 9.42
N MET A 48 29.67 1.24 10.59
CA MET A 48 30.61 2.35 10.70
C MET A 48 30.72 2.83 12.14
N GLN A 49 31.65 3.75 12.37
CA GLN A 49 31.83 4.31 13.71
C GLN A 49 30.91 5.51 13.86
N THR A 50 30.02 5.43 14.84
CA THR A 50 29.06 6.49 15.08
C THR A 50 29.20 7.08 16.48
N ARG A 51 28.65 8.28 16.67
CA ARG A 51 28.71 8.95 17.96
C ARG A 51 27.33 8.83 18.59
N HIS A 52 27.26 8.96 19.90
CA HIS A 52 25.98 8.87 20.60
C HIS A 52 25.15 10.10 20.22
N VAL A 53 23.88 9.89 19.95
CA VAL A 53 23.00 10.98 19.59
C VAL A 53 21.62 10.79 20.18
N LYS A 54 21.24 11.68 21.09
CA LYS A 54 19.93 11.63 21.73
C LYS A 54 18.92 12.21 20.75
N ASN A 55 18.31 11.33 19.97
CA ASN A 55 17.32 11.73 18.98
C ASN A 55 15.97 12.02 19.62
N TYR A 56 15.51 13.26 19.52
CA TYR A 56 14.23 13.66 20.11
C TYR A 56 13.10 13.72 19.09
N HIS A 57 13.42 13.44 17.83
CA HIS A 57 12.42 13.46 16.77
C HIS A 57 11.26 12.53 17.12
N SER A 58 10.07 12.85 16.62
CA SER A 58 8.89 12.04 16.88
C SER A 58 8.09 11.76 15.62
N ARG A 59 7.53 10.56 15.54
CA ARG A 59 6.72 10.16 14.39
C ARG A 59 5.26 10.43 14.68
N SER A 60 5.02 11.48 15.47
CA SER A 60 3.66 11.85 15.86
C SER A 60 2.74 12.23 14.69
N GLU A 61 3.32 12.75 13.61
CA GLU A 61 2.51 13.16 12.47
C GLU A 61 2.42 12.07 11.40
N SER A 62 3.05 10.93 11.66
CA SER A 62 3.03 9.81 10.73
C SER A 62 1.90 8.85 11.11
N THR A 63 1.25 9.16 12.23
CA THR A 63 0.15 8.35 12.74
C THR A 63 -0.95 8.26 11.68
N VAL A 64 -1.56 7.08 11.55
CA VAL A 64 -2.63 6.90 10.58
C VAL A 64 -3.76 7.86 10.89
N GLU A 65 -3.88 8.24 12.16
CA GLU A 65 -4.92 9.16 12.60
C GLU A 65 -4.63 10.56 12.06
N ASN A 66 -3.43 11.06 12.32
CA ASN A 66 -3.03 12.40 11.87
C ASN A 66 -2.91 12.46 10.34
N PHE A 67 -2.66 11.32 9.72
CA PHE A 67 -2.52 11.24 8.27
C PHE A 67 -3.85 11.35 7.53
N LEU A 68 -4.84 10.59 7.98
CA LEU A 68 -6.15 10.60 7.33
C LEU A 68 -7.17 11.56 7.93
N SER A 69 -6.94 12.01 9.15
CA SER A 69 -7.87 12.91 9.80
C SER A 69 -7.73 14.37 9.35
N ARG A 70 -8.11 14.63 8.11
CA ARG A 70 -8.07 15.97 7.54
C ARG A 70 -9.14 16.08 6.46
N SER A 71 -10.05 17.03 6.62
CA SER A 71 -11.14 17.23 5.67
C SER A 71 -10.64 17.34 4.23
N ALA A 72 -11.16 16.47 3.37
CA ALA A 72 -10.81 16.45 1.97
C ALA A 72 -12.08 16.38 1.14
N CYS A 73 -12.15 17.19 0.09
CA CYS A 73 -13.33 17.20 -0.77
C CYS A 73 -13.56 15.85 -1.44
N VAL A 74 -14.80 15.39 -1.44
CA VAL A 74 -15.13 14.11 -2.05
C VAL A 74 -16.18 14.20 -3.15
N TYR A 75 -16.84 15.34 -3.26
CA TYR A 75 -17.87 15.53 -4.28
C TYR A 75 -18.24 16.99 -4.46
N ILE A 76 -18.89 17.29 -5.59
CA ILE A 76 -19.31 18.65 -5.90
C ILE A 76 -20.32 18.67 -7.04
N GLU A 77 -21.47 19.28 -6.79
CA GLU A 77 -22.51 19.38 -7.81
C GLU A 77 -23.19 20.74 -7.73
N GLU A 78 -23.85 21.13 -8.82
CA GLU A 78 -24.53 22.41 -8.90
C GLU A 78 -26.02 22.23 -9.15
N TYR A 79 -26.84 23.02 -8.47
CA TYR A 79 -28.29 22.96 -8.63
C TYR A 79 -28.86 24.37 -8.66
N TYR A 80 -29.79 24.61 -9.57
CA TYR A 80 -30.40 25.94 -9.74
C TYR A 80 -31.67 26.18 -8.94
N THR A 81 -32.10 27.44 -8.90
CA THR A 81 -33.30 27.84 -8.17
C THR A 81 -34.56 27.87 -9.03
N LYS A 82 -34.48 28.53 -10.18
CA LYS A 82 -35.63 28.62 -11.08
C LYS A 82 -35.77 27.38 -11.95
N ASP A 83 -37.00 27.10 -12.37
CA ASP A 83 -37.27 25.95 -13.21
C ASP A 83 -37.27 26.34 -14.69
N GLN A 84 -36.09 26.72 -15.18
CA GLN A 84 -35.95 27.12 -16.58
C GLN A 84 -35.04 26.15 -17.32
N ASP A 85 -35.45 25.75 -18.52
CA ASP A 85 -34.68 24.82 -19.33
C ASP A 85 -34.61 23.47 -18.63
N ASN A 86 -33.55 22.71 -18.90
CA ASN A 86 -33.38 21.40 -18.28
C ASN A 86 -32.30 21.44 -17.21
N VAL A 87 -32.37 22.42 -16.32
CA VAL A 87 -31.41 22.54 -15.24
C VAL A 87 -31.93 21.85 -13.99
N ASN A 88 -31.07 21.07 -13.35
CA ASN A 88 -31.47 20.35 -12.14
C ASN A 88 -31.62 21.34 -11.00
N ARG A 89 -32.76 21.29 -10.33
CA ARG A 89 -33.04 22.18 -9.21
C ARG A 89 -32.66 21.58 -7.87
N TYR A 90 -32.18 20.34 -7.90
CA TYR A 90 -31.77 19.66 -6.68
C TYR A 90 -30.58 18.75 -6.97
N MET A 91 -29.86 18.36 -5.92
CA MET A 91 -28.70 17.48 -6.07
C MET A 91 -28.99 16.05 -5.65
N SER A 92 -28.31 15.12 -6.30
CA SER A 92 -28.43 13.70 -6.01
C SER A 92 -27.00 13.16 -6.04
N TRP A 93 -26.70 12.21 -5.16
CA TRP A 93 -25.35 11.66 -5.11
C TRP A 93 -25.26 10.33 -4.39
N THR A 94 -24.71 9.33 -5.08
CA THR A 94 -24.52 8.01 -4.51
C THR A 94 -23.18 8.04 -3.77
N ILE A 95 -23.24 8.42 -2.51
CA ILE A 95 -22.08 8.55 -1.63
C ILE A 95 -20.96 7.52 -1.82
N ASN A 96 -19.74 8.05 -1.94
CA ASN A 96 -18.52 7.26 -2.10
C ASN A 96 -17.37 8.25 -2.28
N ALA A 97 -16.15 7.80 -2.03
CA ALA A 97 -14.98 8.67 -2.16
C ALA A 97 -14.05 8.21 -3.28
N ARG A 98 -14.63 7.90 -4.44
CA ARG A 98 -13.85 7.43 -5.58
C ARG A 98 -13.89 8.36 -6.78
N ARG A 99 -14.41 9.57 -6.58
CA ARG A 99 -14.48 10.55 -7.66
C ARG A 99 -13.51 11.71 -7.48
N MET A 100 -12.74 11.66 -6.39
CA MET A 100 -11.74 12.68 -6.09
C MET A 100 -10.42 11.95 -5.85
N VAL A 101 -9.58 11.91 -6.87
CA VAL A 101 -8.29 11.22 -6.81
C VAL A 101 -7.46 11.46 -5.56
N GLN A 102 -7.40 12.70 -5.08
CA GLN A 102 -6.61 13.01 -3.89
C GLN A 102 -6.91 12.13 -2.69
N LEU A 103 -8.10 12.27 -2.12
CA LEU A 103 -8.48 11.47 -0.96
C LEU A 103 -8.59 9.99 -1.29
N ARG A 104 -9.03 9.68 -2.51
CA ARG A 104 -9.16 8.28 -2.92
C ARG A 104 -7.82 7.55 -2.88
N ARG A 105 -6.76 8.24 -3.28
CA ARG A 105 -5.44 7.63 -3.30
C ARG A 105 -4.92 7.31 -1.90
N LYS A 106 -5.24 8.16 -0.93
CA LYS A 106 -4.81 7.93 0.44
C LYS A 106 -5.53 6.71 1.01
N PHE A 107 -6.85 6.71 0.92
CA PHE A 107 -7.65 5.60 1.41
C PHE A 107 -7.18 4.29 0.82
N GLU A 108 -6.78 4.32 -0.45
CA GLU A 108 -6.31 3.11 -1.13
C GLU A 108 -4.91 2.67 -0.77
N LEU A 109 -4.31 3.30 0.24
CA LEU A 109 -2.98 2.90 0.69
C LEU A 109 -3.18 1.68 1.57
N PHE A 110 -4.43 1.46 1.99
CA PHE A 110 -4.79 0.34 2.83
C PHE A 110 -5.97 -0.40 2.22
N THR A 111 -6.06 -1.71 2.48
CA THR A 111 -7.14 -2.51 1.94
C THR A 111 -8.44 -2.36 2.71
N TYR A 112 -8.34 -2.33 4.04
CA TYR A 112 -9.53 -2.19 4.88
C TYR A 112 -9.42 -1.00 5.83
N MET A 113 -10.55 -0.38 6.14
CA MET A 113 -10.58 0.78 7.01
C MET A 113 -11.77 0.75 7.96
N ARG A 114 -11.59 1.34 9.13
CA ARG A 114 -12.64 1.42 10.14
C ARG A 114 -12.49 2.74 10.87
N PHE A 115 -13.56 3.54 10.88
CA PHE A 115 -13.50 4.83 11.54
C PHE A 115 -14.82 5.58 11.50
N ASP A 116 -14.94 6.59 12.36
CA ASP A 116 -16.11 7.44 12.39
C ASP A 116 -15.74 8.55 11.42
N MET A 117 -16.66 9.46 11.13
CA MET A 117 -16.32 10.51 10.18
C MET A 117 -17.04 11.82 10.39
N GLU A 118 -16.31 12.91 10.15
CA GLU A 118 -16.84 14.26 10.28
C GLU A 118 -17.11 14.79 8.87
N ILE A 119 -18.37 15.07 8.58
CA ILE A 119 -18.74 15.57 7.26
C ILE A 119 -19.09 17.05 7.28
N THR A 120 -18.39 17.83 6.47
CA THR A 120 -18.62 19.26 6.37
C THR A 120 -19.07 19.64 4.96
N PHE A 121 -20.00 20.59 4.88
CA PHE A 121 -20.52 21.03 3.59
C PHE A 121 -20.23 22.50 3.32
N VAL A 122 -19.69 22.79 2.14
CA VAL A 122 -19.40 24.17 1.75
C VAL A 122 -20.33 24.52 0.60
N ILE A 123 -21.44 25.18 0.93
CA ILE A 123 -22.43 25.58 -0.06
C ILE A 123 -22.33 27.05 -0.41
N THR A 124 -22.18 27.35 -1.69
CA THR A 124 -22.08 28.73 -2.17
C THR A 124 -23.02 28.95 -3.33
N SER A 125 -23.60 30.14 -3.41
CA SER A 125 -24.54 30.47 -4.47
C SER A 125 -24.05 31.63 -5.33
N ARG A 126 -24.78 31.89 -6.41
CA ARG A 126 -24.45 32.96 -7.33
C ARG A 126 -25.66 33.30 -8.19
N GLN A 127 -25.57 34.41 -8.92
CA GLN A 127 -26.64 34.85 -9.79
C GLN A 127 -26.11 34.78 -11.23
N LEU A 128 -26.75 33.98 -12.07
CA LEU A 128 -26.32 33.84 -13.45
C LEU A 128 -26.38 35.18 -14.19
N PRO A 129 -25.42 35.42 -15.09
CA PRO A 129 -25.32 36.64 -15.88
C PRO A 129 -26.62 37.02 -16.60
N GLY A 130 -26.79 38.31 -16.88
CA GLY A 130 -27.98 38.77 -17.56
C GLY A 130 -27.93 40.27 -17.82
N THR A 131 -28.83 40.76 -18.66
CA THR A 131 -28.89 42.18 -18.98
C THR A 131 -29.63 42.96 -17.89
N SER A 132 -30.80 42.45 -17.52
CA SER A 132 -31.60 43.08 -16.47
C SER A 132 -31.86 42.04 -15.38
N ILE A 133 -31.02 42.06 -14.36
CA ILE A 133 -31.13 41.10 -13.27
C ILE A 133 -31.16 41.74 -11.88
N ALA A 134 -31.80 42.90 -11.77
CA ALA A 134 -31.88 43.59 -10.49
C ALA A 134 -32.86 42.86 -9.57
N GLN A 135 -32.33 42.33 -8.45
CA GLN A 135 -33.16 41.59 -7.51
C GLN A 135 -33.06 42.15 -6.08
N ASP A 136 -33.44 41.30 -5.13
CA ASP A 136 -33.41 41.62 -3.71
C ASP A 136 -33.86 40.37 -2.97
N MET A 137 -33.25 39.24 -3.32
CA MET A 137 -33.58 37.96 -2.71
C MET A 137 -33.06 37.81 -1.28
N PRO A 138 -33.94 37.36 -0.37
CA PRO A 138 -33.55 37.17 1.04
C PRO A 138 -32.50 36.06 1.12
N PRO A 139 -31.94 35.81 2.31
CA PRO A 139 -30.92 34.76 2.42
C PRO A 139 -31.44 33.40 1.95
N LEU A 140 -30.62 32.71 1.17
CA LEU A 140 -30.99 31.39 0.65
C LEU A 140 -30.77 30.28 1.68
N THR A 141 -31.81 29.50 1.94
CA THR A 141 -31.72 28.40 2.88
C THR A 141 -31.67 27.08 2.11
N HIS A 142 -30.73 26.23 2.47
CA HIS A 142 -30.55 24.94 1.81
C HIS A 142 -30.95 23.77 2.71
N GLN A 143 -31.20 22.62 2.08
CA GLN A 143 -31.56 21.41 2.81
C GLN A 143 -30.82 20.22 2.24
N ILE A 144 -30.02 19.58 3.09
CA ILE A 144 -29.27 18.40 2.70
C ILE A 144 -29.88 17.21 3.42
N MET A 145 -30.34 16.22 2.65
CA MET A 145 -30.95 15.04 3.24
C MET A 145 -30.25 13.75 2.85
N TYR A 146 -29.92 12.95 3.86
CA TYR A 146 -29.26 11.68 3.62
C TYR A 146 -30.31 10.58 3.52
N ILE A 147 -30.21 9.77 2.47
CA ILE A 147 -31.17 8.69 2.26
C ILE A 147 -30.48 7.33 2.22
N PRO A 148 -30.49 6.60 3.35
CA PRO A 148 -29.85 5.28 3.38
C PRO A 148 -30.51 4.34 2.38
N PRO A 149 -29.75 3.35 1.86
CA PRO A 149 -30.26 2.39 0.89
C PRO A 149 -31.67 1.85 1.14
N GLY A 150 -32.58 2.16 0.22
CA GLY A 150 -33.95 1.70 0.34
C GLY A 150 -34.96 2.81 0.59
N GLY A 151 -34.52 3.89 1.22
CA GLY A 151 -35.41 5.00 1.50
C GLY A 151 -35.98 5.64 0.24
N PRO A 152 -37.17 6.27 0.33
CA PRO A 152 -37.79 6.91 -0.83
C PRO A 152 -36.97 8.10 -1.34
N VAL A 153 -36.77 8.16 -2.65
CA VAL A 153 -36.01 9.22 -3.28
C VAL A 153 -36.91 10.30 -3.89
N PRO A 154 -36.59 11.57 -3.65
CA PRO A 154 -37.38 12.68 -4.19
C PRO A 154 -37.16 12.84 -5.70
N ASN A 155 -38.22 13.17 -6.42
CA ASN A 155 -38.13 13.35 -7.87
C ASN A 155 -38.34 14.80 -8.26
N SER A 156 -38.41 15.67 -7.26
CA SER A 156 -38.61 17.10 -7.49
C SER A 156 -38.24 17.88 -6.24
N VAL A 157 -38.12 19.20 -6.38
CA VAL A 157 -37.77 20.05 -5.25
C VAL A 157 -38.98 20.27 -4.36
N THR A 158 -40.05 19.52 -4.61
CA THR A 158 -41.27 19.62 -3.83
C THR A 158 -41.83 18.24 -3.53
N ASP A 159 -40.96 17.23 -3.63
CA ASP A 159 -41.34 15.85 -3.36
C ASP A 159 -41.63 15.68 -1.88
N PHE A 160 -42.53 14.75 -1.54
CA PHE A 160 -42.89 14.50 -0.14
C PHE A 160 -41.70 13.98 0.65
N ALA A 161 -40.74 13.38 -0.05
CA ALA A 161 -39.55 12.82 0.58
C ALA A 161 -38.78 13.84 1.41
N TRP A 162 -38.88 15.11 1.04
CA TRP A 162 -38.16 16.15 1.76
C TRP A 162 -38.75 16.42 3.14
N GLN A 163 -39.76 15.65 3.52
CA GLN A 163 -40.39 15.83 4.84
C GLN A 163 -39.42 15.41 5.93
N THR A 164 -38.40 14.64 5.55
CA THR A 164 -37.38 14.17 6.49
C THR A 164 -38.02 13.65 7.77
N SER A 165 -38.92 12.68 7.64
CA SER A 165 -39.60 12.12 8.79
C SER A 165 -38.64 11.36 9.70
N THR A 166 -37.74 10.59 9.10
CA THR A 166 -36.77 9.82 9.88
C THR A 166 -35.36 9.88 9.31
N ASN A 167 -35.23 10.31 8.07
CA ASN A 167 -33.91 10.41 7.45
C ASN A 167 -33.20 11.64 8.00
N PRO A 168 -31.90 11.52 8.30
CA PRO A 168 -31.18 12.69 8.83
C PRO A 168 -31.11 13.80 7.78
N SER A 169 -31.37 15.03 8.19
CA SER A 169 -31.32 16.15 7.27
C SER A 169 -30.83 17.43 7.94
N ILE A 170 -30.21 18.31 7.15
CA ILE A 170 -29.69 19.56 7.66
C ILE A 170 -30.26 20.76 6.93
N PHE A 171 -30.62 21.79 7.68
CA PHE A 171 -31.16 23.02 7.12
C PHE A 171 -30.16 24.12 7.45
N TRP A 172 -29.56 24.69 6.40
CA TRP A 172 -28.56 25.73 6.57
C TRP A 172 -28.84 26.97 5.73
N THR A 173 -28.61 28.14 6.32
CA THR A 173 -28.83 29.41 5.62
C THR A 173 -27.48 30.05 5.33
N GLU A 174 -27.30 30.54 4.12
CA GLU A 174 -26.04 31.17 3.73
C GLU A 174 -25.61 32.25 4.70
N GLY A 175 -24.30 32.45 4.81
CA GLY A 175 -23.76 33.45 5.71
C GLY A 175 -23.21 32.82 6.97
N ASN A 176 -23.87 31.77 7.46
CA ASN A 176 -23.44 31.07 8.66
C ASN A 176 -22.32 30.10 8.36
N ALA A 177 -21.69 29.59 9.40
CA ALA A 177 -20.58 28.64 9.25
C ALA A 177 -21.06 27.41 8.50
N PRO A 178 -20.20 26.84 7.63
CA PRO A 178 -20.57 25.65 6.86
C PRO A 178 -21.07 24.52 7.76
N PRO A 179 -22.26 23.97 7.44
CA PRO A 179 -22.85 22.88 8.23
C PRO A 179 -21.92 21.68 8.38
N ARG A 180 -22.03 21.02 9.54
CA ARG A 180 -21.19 19.86 9.82
C ARG A 180 -21.93 18.88 10.74
N MET A 181 -21.49 17.64 10.75
CA MET A 181 -22.08 16.60 11.59
C MET A 181 -21.31 15.30 11.46
N SER A 182 -21.18 14.58 12.57
CA SER A 182 -20.44 13.32 12.59
C SER A 182 -21.33 12.10 12.37
N ILE A 183 -20.71 11.05 11.85
CA ILE A 183 -21.40 9.79 11.61
C ILE A 183 -20.49 8.66 12.07
N PRO A 184 -21.07 7.59 12.64
CA PRO A 184 -20.28 6.45 13.12
C PRO A 184 -19.76 5.56 12.01
N PHE A 185 -19.50 4.30 12.35
CA PHE A 185 -19.00 3.32 11.39
C PHE A 185 -20.21 2.58 10.82
N ILE A 186 -20.68 3.05 9.66
CA ILE A 186 -21.85 2.47 8.98
C ILE A 186 -21.71 1.07 8.40
N SER A 187 -20.57 0.78 7.78
CA SER A 187 -20.34 -0.53 7.16
C SER A 187 -21.01 -1.68 7.89
N ILE A 188 -21.64 -2.57 7.13
CA ILE A 188 -22.30 -3.75 7.70
C ILE A 188 -21.25 -4.81 7.98
N GLY A 189 -20.03 -4.54 7.48
CA GLY A 189 -18.94 -5.45 7.71
C GLY A 189 -18.15 -4.96 8.90
N ASN A 190 -17.09 -5.67 9.27
CA ASN A 190 -16.28 -5.28 10.41
C ASN A 190 -15.32 -4.15 10.05
N ALA A 191 -15.29 -3.79 8.77
CA ALA A 191 -14.42 -2.74 8.28
C ALA A 191 -14.75 -2.36 6.84
N TYR A 192 -14.58 -1.08 6.51
CA TYR A 192 -14.83 -0.61 5.15
C TYR A 192 -13.83 -1.31 4.25
N SER A 193 -14.23 -1.61 3.02
CA SER A 193 -13.35 -2.27 2.08
C SER A 193 -13.04 -1.35 0.90
N ASN A 194 -11.76 -1.06 0.69
CA ASN A 194 -11.35 -0.21 -0.41
C ASN A 194 -11.17 -1.03 -1.68
N PHE A 195 -10.90 -2.32 -1.50
CA PHE A 195 -10.70 -3.24 -2.60
C PHE A 195 -11.46 -4.54 -2.41
N TYR A 196 -12.19 -4.95 -3.44
CA TYR A 196 -12.95 -6.19 -3.38
C TYR A 196 -12.75 -7.00 -4.65
N ASP A 197 -11.78 -7.90 -4.62
CA ASP A 197 -11.48 -8.74 -5.76
C ASP A 197 -12.51 -9.88 -5.84
N GLY A 198 -13.77 -9.50 -6.02
CA GLY A 198 -14.85 -10.47 -6.11
C GLY A 198 -16.01 -9.90 -6.90
N TRP A 199 -17.12 -10.64 -6.96
CA TRP A 199 -18.30 -10.21 -7.69
C TRP A 199 -19.50 -10.01 -6.79
N SER A 200 -20.60 -9.54 -7.37
CA SER A 200 -21.82 -9.32 -6.61
C SER A 200 -22.70 -10.58 -6.69
N HIS A 201 -22.55 -11.32 -7.77
CA HIS A 201 -23.31 -12.56 -7.97
C HIS A 201 -22.42 -13.78 -7.81
N PHE A 202 -23.00 -14.85 -7.30
CA PHE A 202 -22.27 -16.10 -7.07
C PHE A 202 -21.79 -16.76 -8.37
N SER A 203 -22.43 -16.41 -9.48
CA SER A 203 -22.06 -16.96 -10.77
C SER A 203 -20.85 -16.22 -11.33
N GLN A 204 -20.19 -15.46 -10.46
CA GLN A 204 -19.00 -14.70 -10.82
C GLN A 204 -19.23 -13.72 -11.97
N ASN A 205 -20.24 -12.89 -11.83
CA ASN A 205 -20.57 -11.89 -12.84
C ASN A 205 -21.41 -10.77 -12.22
N GLY A 206 -21.73 -9.78 -13.03
CA GLY A 206 -22.50 -8.65 -12.55
C GLY A 206 -21.53 -7.51 -12.25
N VAL A 207 -21.51 -7.05 -11.01
CA VAL A 207 -20.60 -5.98 -10.62
C VAL A 207 -19.32 -6.58 -10.07
N TYR A 208 -18.20 -5.90 -10.34
CA TYR A 208 -16.90 -6.37 -9.89
C TYR A 208 -16.17 -5.26 -9.15
N GLY A 209 -15.74 -5.56 -7.92
CA GLY A 209 -15.00 -4.57 -7.14
C GLY A 209 -15.83 -3.80 -6.12
N TYR A 210 -15.34 -2.62 -5.78
CA TYR A 210 -15.97 -1.73 -4.80
C TYR A 210 -17.49 -1.70 -4.87
N ASN A 211 -18.03 -1.18 -5.97
CA ASN A 211 -19.47 -1.07 -6.17
C ASN A 211 -20.24 -2.36 -5.93
N ALA A 212 -19.53 -3.49 -5.92
CA ALA A 212 -20.18 -4.78 -5.72
C ALA A 212 -20.73 -4.95 -4.31
N LEU A 213 -20.14 -4.26 -3.33
CA LEU A 213 -20.60 -4.39 -1.95
C LEU A 213 -20.84 -3.09 -1.20
N ASN A 214 -20.05 -2.06 -1.48
CA ASN A 214 -20.24 -0.78 -0.79
C ASN A 214 -21.55 -0.13 -1.20
N ASN A 215 -22.29 0.37 -0.21
CA ASN A 215 -23.57 1.02 -0.45
C ASN A 215 -23.89 1.91 0.74
N MET A 216 -23.35 3.13 0.73
CA MET A 216 -23.57 4.07 1.82
C MET A 216 -24.83 4.89 1.64
N GLY A 217 -25.60 4.59 0.60
CA GLY A 217 -26.83 5.32 0.35
C GLY A 217 -26.61 6.55 -0.52
N LYS A 218 -27.58 7.45 -0.54
CA LYS A 218 -27.48 8.66 -1.36
C LYS A 218 -27.66 9.94 -0.53
N LEU A 219 -27.29 11.06 -1.12
CA LEU A 219 -27.41 12.36 -0.47
C LEU A 219 -28.04 13.35 -1.43
N TYR A 220 -29.10 14.02 -0.97
CA TYR A 220 -29.80 15.00 -1.80
C TYR A 220 -29.76 16.40 -1.19
N ALA A 221 -29.76 17.41 -2.05
CA ALA A 221 -29.74 18.80 -1.61
C ALA A 221 -30.70 19.62 -2.44
N ARG A 222 -31.05 20.81 -1.95
CA ARG A 222 -31.98 21.68 -2.67
C ARG A 222 -32.13 23.03 -1.95
N HIS A 223 -32.82 23.96 -2.58
CA HIS A 223 -33.07 25.26 -1.99
C HIS A 223 -34.47 25.12 -1.40
N VAL A 224 -34.64 25.52 -0.15
CA VAL A 224 -35.96 25.43 0.46
C VAL A 224 -36.78 26.65 0.05
N ASN A 225 -36.13 27.62 -0.57
CA ASN A 225 -36.79 28.83 -1.03
C ASN A 225 -37.66 28.45 -2.23
N LYS A 226 -38.90 28.96 -2.25
CA LYS A 226 -39.85 28.66 -3.31
C LYS A 226 -39.31 28.91 -4.72
N ASP A 227 -38.89 30.14 -4.99
CA ASP A 227 -38.38 30.49 -6.32
C ASP A 227 -37.67 31.84 -6.33
N THR A 228 -36.77 32.02 -7.29
CA THR A 228 -36.01 33.26 -7.43
C THR A 228 -36.46 34.02 -8.68
N PRO A 229 -36.52 35.37 -8.60
CA PRO A 229 -36.95 36.16 -9.76
C PRO A 229 -36.15 35.76 -11.01
N TYR A 230 -34.83 35.80 -10.88
CA TYR A 230 -33.94 35.44 -11.97
C TYR A 230 -33.12 34.20 -11.59
N GLN A 231 -32.75 33.42 -12.59
CA GLN A 231 -32.00 32.20 -12.37
C GLN A 231 -30.73 32.36 -11.53
N MET A 232 -30.60 31.49 -10.53
CA MET A 232 -29.45 31.46 -9.64
C MET A 232 -29.06 30.01 -9.45
N SER A 233 -27.80 29.77 -9.10
CA SER A 233 -27.33 28.40 -8.90
C SER A 233 -26.44 28.32 -7.66
N SER A 234 -26.40 27.12 -7.07
CA SER A 234 -25.58 26.89 -5.88
C SER A 234 -24.70 25.68 -6.11
N THR A 235 -23.51 25.70 -5.53
CA THR A 235 -22.57 24.59 -5.66
C THR A 235 -22.24 24.05 -4.28
N ILE A 236 -22.58 22.79 -4.05
CA ILE A 236 -22.31 22.16 -2.77
C ILE A 236 -21.06 21.28 -2.87
N ARG A 237 -20.18 21.42 -1.89
CA ARG A 237 -18.95 20.63 -1.86
C ARG A 237 -18.94 19.81 -0.58
N VAL A 238 -18.86 18.49 -0.74
CA VAL A 238 -18.85 17.59 0.41
C VAL A 238 -17.43 17.28 0.84
N TYR A 239 -17.18 17.33 2.14
CA TYR A 239 -15.87 17.06 2.70
C TYR A 239 -15.92 15.93 3.72
N PHE A 240 -14.94 15.03 3.64
CA PHE A 240 -14.85 13.90 4.56
C PHE A 240 -13.59 14.03 5.41
N LYS A 241 -13.73 13.71 6.69
CA LYS A 241 -12.62 13.77 7.63
C LYS A 241 -12.71 12.59 8.59
N PRO A 242 -12.15 11.44 8.22
CA PRO A 242 -12.20 10.28 9.11
C PRO A 242 -11.48 10.51 10.43
N LYS A 243 -12.06 10.01 11.51
CA LYS A 243 -11.49 10.14 12.85
C LYS A 243 -11.71 8.84 13.61
N HIS A 244 -10.85 8.56 14.59
CA HIS A 244 -10.96 7.31 15.36
C HIS A 244 -10.69 6.22 14.34
N ILE A 245 -9.62 6.44 13.58
CA ILE A 245 -9.20 5.57 12.49
C ILE A 245 -8.49 4.26 12.84
N ARG A 246 -8.68 3.28 11.96
CA ARG A 246 -8.09 1.95 12.05
C ARG A 246 -7.88 1.49 10.61
N VAL A 247 -6.68 1.02 10.29
CA VAL A 247 -6.40 0.57 8.94
C VAL A 247 -5.65 -0.77 8.93
N TRP A 248 -5.91 -1.58 7.90
CA TRP A 248 -5.27 -2.89 7.79
C TRP A 248 -4.75 -3.17 6.38
N VAL A 249 -3.79 -4.07 6.29
CA VAL A 249 -3.17 -4.48 5.03
C VAL A 249 -2.77 -3.33 4.12
N PRO A 250 -1.56 -2.78 4.31
CA PRO A 250 -1.07 -1.68 3.48
C PRO A 250 -0.77 -2.19 2.08
N ARG A 251 -0.75 -1.31 1.10
CA ARG A 251 -0.49 -1.71 -0.28
C ARG A 251 0.17 -0.63 -1.14
N PRO A 252 0.75 -1.05 -2.29
CA PRO A 252 1.42 -0.13 -3.22
C PRO A 252 0.53 1.02 -3.63
N PRO A 253 1.02 2.26 -3.48
CA PRO A 253 0.24 3.44 -3.85
C PRO A 253 -0.12 3.43 -5.33
N ARG A 254 -1.20 4.13 -5.67
CA ARG A 254 -1.65 4.21 -7.06
C ARG A 254 -0.56 4.82 -7.94
N LEU A 255 -0.22 4.11 -9.03
CA LEU A 255 0.79 4.59 -9.95
C LEU A 255 0.15 5.19 -11.20
N SER A 256 -0.78 4.43 -11.79
CA SER A 256 -1.47 4.88 -12.98
C SER A 256 -2.60 5.83 -12.62
N PRO A 257 -2.86 6.84 -13.45
CA PRO A 257 -3.94 7.79 -13.16
C PRO A 257 -5.29 7.07 -13.07
N TYR A 258 -6.21 7.65 -12.29
CA TYR A 258 -7.53 7.05 -12.15
C TYR A 258 -8.35 7.37 -13.38
N ILE A 259 -9.00 6.35 -13.94
CA ILE A 259 -9.82 6.53 -15.12
C ILE A 259 -11.30 6.52 -14.77
N LYS A 260 -11.76 5.42 -14.17
CA LYS A 260 -13.16 5.28 -13.77
C LYS A 260 -13.26 5.33 -12.26
N SER A 261 -14.43 5.68 -11.75
CA SER A 261 -14.66 5.76 -10.32
C SER A 261 -15.38 4.50 -9.84
N SER A 262 -15.58 3.56 -10.75
CA SER A 262 -16.27 2.32 -10.42
C SER A 262 -15.33 1.12 -10.40
N ASN A 263 -14.17 1.25 -11.03
CA ASN A 263 -13.20 0.16 -11.07
C ASN A 263 -11.76 0.68 -11.01
N VAL A 264 -10.80 -0.23 -11.12
CA VAL A 264 -9.40 0.15 -11.06
C VAL A 264 -8.70 0.20 -12.42
N ASN A 265 -9.49 0.30 -13.50
CA ASN A 265 -8.92 0.36 -14.84
C ASN A 265 -7.81 1.41 -14.92
N PHE A 266 -6.83 1.16 -15.77
CA PHE A 266 -5.70 2.07 -15.91
C PHE A 266 -4.97 1.86 -17.24
N ASN A 267 -4.07 2.78 -17.54
CA ASN A 267 -3.26 2.70 -18.77
C ASN A 267 -1.82 2.43 -18.35
N PRO A 268 -1.14 1.52 -19.06
CA PRO A 268 0.25 1.21 -18.71
C PRO A 268 1.06 2.48 -18.45
N THR A 269 1.38 2.72 -17.18
CA THR A 269 2.14 3.89 -16.79
C THR A 269 3.60 3.57 -16.49
N ASN A 270 4.47 4.56 -16.66
CA ASN A 270 5.89 4.38 -16.40
C ASN A 270 6.14 4.22 -14.90
N LEU A 271 7.11 3.39 -14.55
CA LEU A 271 7.45 3.15 -13.17
C LEU A 271 7.92 4.44 -12.49
N THR A 272 8.53 5.32 -13.28
CA THR A 272 9.02 6.59 -12.78
C THR A 272 9.59 7.44 -13.91
N ASP A 273 10.04 8.65 -13.59
CA ASP A 273 10.61 9.55 -14.59
C ASP A 273 11.93 8.97 -15.11
N GLU A 274 12.34 9.43 -16.29
CA GLU A 274 13.57 8.96 -16.89
C GLU A 274 14.77 9.85 -16.60
N ARG A 275 15.92 9.47 -17.17
CA ARG A 275 17.16 10.22 -17.01
C ARG A 275 18.21 9.70 -17.98
N SER A 276 19.25 10.51 -18.21
CA SER A 276 20.34 10.16 -19.13
C SER A 276 20.79 8.71 -19.03
N SER A 277 21.42 8.35 -17.92
CA SER A 277 21.90 6.99 -17.71
C SER A 277 21.88 6.63 -16.23
N ILE A 278 22.15 5.36 -15.93
CA ILE A 278 22.16 4.90 -14.54
C ILE A 278 23.23 5.62 -13.72
N THR A 279 24.23 6.17 -14.40
CA THR A 279 25.30 6.87 -13.71
C THR A 279 25.16 8.38 -13.79
N TYR A 280 24.02 8.86 -14.27
CA TYR A 280 23.81 10.30 -14.39
C TYR A 280 23.48 10.99 -13.06
N VAL A 281 24.26 12.01 -12.75
CA VAL A 281 24.10 12.81 -11.53
C VAL A 281 24.52 14.23 -11.90
N PRO A 282 23.56 15.16 -11.90
CA PRO A 282 23.83 16.56 -12.23
C PRO A 282 24.93 17.22 -11.41
N ASP A 283 25.84 17.92 -12.11
CA ASP A 283 26.94 18.61 -11.45
C ASP A 283 26.41 19.95 -10.94
N THR A 284 26.24 20.06 -9.63
CA THR A 284 25.74 21.28 -9.04
C THR A 284 26.86 22.15 -8.44
N ILE A 285 28.09 21.67 -8.56
CA ILE A 285 29.24 22.41 -8.05
C ILE A 285 30.07 22.91 -9.21
N ARG A 286 29.93 24.19 -9.53
CA ARG A 286 30.65 24.80 -10.64
C ARG A 286 31.13 26.21 -10.27
N PRO A 287 32.23 26.31 -9.52
CA PRO A 287 32.79 27.60 -9.10
C PRO A 287 33.27 28.46 -10.27
N SER B 9 21.34 -26.57 10.62
CA SER B 9 21.14 -25.89 9.31
C SER B 9 19.67 -25.50 9.09
N ASP B 10 19.41 -24.20 9.00
CA ASP B 10 18.04 -23.72 8.79
C ASP B 10 17.66 -23.78 7.32
N ARG B 11 18.57 -24.29 6.50
CA ARG B 11 18.33 -24.43 5.06
C ARG B 11 17.29 -25.51 4.82
N VAL B 12 17.43 -26.63 5.51
CA VAL B 12 16.50 -27.74 5.38
C VAL B 12 15.27 -27.52 6.25
N ARG B 13 14.10 -27.87 5.72
CA ARG B 13 12.85 -27.73 6.44
C ARG B 13 11.86 -28.78 5.97
N SER B 14 10.89 -29.09 6.81
CA SER B 14 9.87 -30.09 6.47
C SER B 14 8.49 -29.57 6.84
N LEU B 15 7.53 -29.79 5.94
CA LEU B 15 6.15 -29.35 6.18
C LEU B 15 5.22 -30.55 6.15
N THR B 16 4.34 -30.65 7.15
CA THR B 16 3.41 -31.77 7.23
C THR B 16 1.98 -31.31 7.52
N LEU B 17 1.09 -31.54 6.57
CA LEU B 17 -0.31 -31.18 6.72
C LEU B 17 -1.16 -32.31 6.15
N GLY B 18 -1.94 -32.96 7.00
CA GLY B 18 -2.76 -34.06 6.55
C GLY B 18 -1.89 -35.23 6.14
N ASN B 19 -2.21 -35.83 5.01
CA ASN B 19 -1.46 -36.97 4.49
C ASN B 19 -0.40 -36.52 3.48
N SER B 20 -0.01 -35.25 3.57
CA SER B 20 0.98 -34.71 2.66
C SER B 20 2.18 -34.13 3.39
N THR B 21 3.36 -34.27 2.80
CA THR B 21 4.59 -33.76 3.40
C THR B 21 5.52 -33.22 2.32
N ILE B 22 6.04 -32.02 2.56
CA ILE B 22 6.96 -31.40 1.61
C ILE B 22 8.35 -31.34 2.23
N THR B 23 9.36 -31.51 1.38
CA THR B 23 10.74 -31.48 1.84
C THR B 23 11.53 -30.40 1.11
N THR B 24 12.51 -29.84 1.79
CA THR B 24 13.35 -28.79 1.22
C THR B 24 14.74 -28.85 1.83
N GLN B 25 15.74 -28.57 1.01
CA GLN B 25 17.12 -28.57 1.49
C GLN B 25 17.78 -27.24 1.17
N GLU B 26 16.99 -26.33 0.61
CA GLU B 26 17.46 -25.00 0.26
C GLU B 26 16.33 -23.97 0.33
N SER B 27 15.85 -23.73 1.53
CA SER B 27 14.78 -22.75 1.74
C SER B 27 15.39 -21.52 2.40
N ALA B 28 14.57 -20.51 2.62
CA ALA B 28 15.02 -19.27 3.25
C ALA B 28 14.03 -18.84 4.31
N ASN B 29 13.95 -19.61 5.40
CA ASN B 29 13.05 -19.32 6.49
C ASN B 29 11.61 -19.46 5.98
N VAL B 30 10.64 -18.98 6.75
CA VAL B 30 9.24 -19.06 6.37
C VAL B 30 8.52 -17.77 6.76
N VAL B 31 7.89 -17.14 5.78
CA VAL B 31 7.15 -15.91 6.06
C VAL B 31 5.77 -16.28 6.57
N VAL B 32 5.38 -15.68 7.69
CA VAL B 32 4.09 -15.94 8.30
C VAL B 32 3.18 -14.74 8.15
N GLY B 33 2.37 -14.75 7.09
CA GLY B 33 1.43 -13.66 6.84
C GLY B 33 1.85 -12.34 7.44
N TYR B 34 0.89 -11.68 8.09
CA TYR B 34 1.17 -10.40 8.72
C TYR B 34 1.51 -10.61 10.18
N GLY B 35 2.38 -11.59 10.42
CA GLY B 35 2.78 -11.91 11.78
C GLY B 35 1.82 -12.89 12.42
N ARG B 36 0.68 -13.14 11.78
CA ARG B 36 -0.31 -14.05 12.31
C ARG B 36 -0.30 -15.43 11.68
N TRP B 37 -0.77 -16.40 12.45
CA TRP B 37 -0.84 -17.78 12.01
C TRP B 37 -2.30 -18.19 11.95
N PRO B 38 -2.70 -18.97 10.92
CA PRO B 38 -4.08 -19.42 10.75
C PRO B 38 -4.73 -19.94 12.03
N GLU B 39 -5.97 -19.51 12.27
CA GLU B 39 -6.72 -19.93 13.44
C GLU B 39 -8.22 -19.98 13.15
N TYR B 40 -8.92 -20.89 13.82
CA TYR B 40 -10.35 -21.02 13.64
C TYR B 40 -11.07 -19.78 14.17
N LEU B 41 -12.27 -19.53 13.67
CA LEU B 41 -13.05 -18.37 14.09
C LEU B 41 -13.53 -18.51 15.53
N ARG B 42 -13.29 -17.48 16.33
CA ARG B 42 -13.70 -17.48 17.74
C ARG B 42 -15.18 -17.14 17.90
N ASP B 43 -15.74 -17.50 19.05
CA ASP B 43 -17.16 -17.25 19.31
C ASP B 43 -17.49 -15.77 19.43
N ASP B 44 -16.55 -14.97 19.88
CA ASP B 44 -16.77 -13.53 20.02
C ASP B 44 -16.52 -12.76 18.73
N GLU B 45 -16.40 -13.50 17.63
CA GLU B 45 -16.17 -12.89 16.32
C GLU B 45 -17.00 -13.57 15.25
N ALA B 46 -17.74 -14.60 15.64
CA ALA B 46 -18.58 -15.34 14.71
C ALA B 46 -19.90 -14.64 14.44
N THR B 47 -20.52 -14.96 13.31
CA THR B 47 -21.81 -14.37 12.93
C THR B 47 -22.78 -15.51 12.60
N ALA B 48 -22.31 -16.45 11.78
CA ALA B 48 -23.13 -17.60 11.38
C ALA B 48 -23.44 -18.42 12.63
N GLU B 49 -24.73 -18.55 12.94
CA GLU B 49 -25.15 -19.28 14.13
C GLU B 49 -25.05 -20.80 14.02
N ASP B 50 -25.19 -21.32 12.80
CA ASP B 50 -25.11 -22.77 12.60
C ASP B 50 -23.71 -23.28 12.96
N GLN B 51 -23.64 -24.50 13.48
CA GLN B 51 -22.35 -25.06 13.85
C GLN B 51 -21.55 -25.39 12.58
N PRO B 52 -20.36 -24.80 12.44
CA PRO B 52 -19.52 -25.03 11.26
C PRO B 52 -18.97 -26.45 11.19
N THR B 53 -18.49 -26.82 10.01
CA THR B 53 -17.91 -28.14 9.80
C THR B 53 -16.41 -27.93 9.60
N GLN B 54 -15.62 -28.83 10.15
CA GLN B 54 -14.17 -28.71 10.03
C GLN B 54 -13.56 -30.05 9.59
N PRO B 55 -13.55 -30.30 8.28
CA PRO B 55 -13.01 -31.54 7.70
C PRO B 55 -11.59 -31.83 8.16
N ASP B 56 -10.87 -30.79 8.57
CA ASP B 56 -9.51 -30.94 9.06
C ASP B 56 -8.57 -31.55 8.01
N VAL B 57 -7.98 -32.70 8.34
CA VAL B 57 -7.05 -33.37 7.44
C VAL B 57 -7.62 -33.66 6.06
N ALA B 58 -8.95 -33.70 5.96
CA ALA B 58 -9.62 -33.98 4.69
C ALA B 58 -9.41 -32.86 3.67
N THR B 59 -9.43 -31.61 4.13
CA THR B 59 -9.26 -30.47 3.23
C THR B 59 -7.97 -29.71 3.47
N CYS B 60 -7.46 -29.78 4.71
CA CYS B 60 -6.23 -29.08 5.06
C CYS B 60 -5.02 -29.97 4.76
N ARG B 61 -4.65 -30.00 3.48
CA ARG B 61 -3.52 -30.78 3.01
C ARG B 61 -2.90 -30.07 1.81
N PHE B 62 -1.73 -30.52 1.38
CA PHE B 62 -1.05 -29.90 0.24
C PHE B 62 -1.61 -30.28 -1.13
N TYR B 63 -2.07 -29.27 -1.85
CA TYR B 63 -2.62 -29.45 -3.19
C TYR B 63 -1.66 -28.85 -4.21
N THR B 64 -1.15 -29.68 -5.10
CA THR B 64 -0.21 -29.23 -6.13
C THR B 64 -0.97 -28.84 -7.40
N LEU B 65 -0.69 -27.64 -7.91
CA LEU B 65 -1.34 -27.15 -9.12
C LEU B 65 -0.47 -27.42 -10.35
N GLU B 66 -1.04 -27.21 -11.53
CA GLU B 66 -0.31 -27.43 -12.78
C GLU B 66 0.99 -26.64 -12.78
N SER B 67 2.09 -27.31 -13.08
CA SER B 67 3.40 -26.66 -13.11
C SER B 67 3.44 -25.64 -14.25
N VAL B 68 4.42 -24.74 -14.18
CA VAL B 68 4.59 -23.71 -15.21
C VAL B 68 6.04 -23.68 -15.63
N GLN B 69 6.31 -23.31 -16.87
CA GLN B 69 7.68 -23.26 -17.37
C GLN B 69 8.25 -21.85 -17.34
N TRP B 70 9.42 -21.72 -16.73
CA TRP B 70 10.09 -20.43 -16.64
C TRP B 70 11.04 -20.32 -17.84
N GLU B 71 10.81 -19.31 -18.68
CA GLU B 71 11.63 -19.10 -19.86
C GLU B 71 12.35 -17.76 -19.81
N LYS B 72 13.42 -17.64 -20.58
CA LYS B 72 14.21 -16.42 -20.61
C LYS B 72 13.37 -15.18 -20.90
N ASN B 73 12.18 -15.38 -21.46
CA ASN B 73 11.30 -14.27 -21.79
C ASN B 73 10.00 -14.27 -20.99
N SER B 74 9.93 -15.09 -19.94
CA SER B 74 8.74 -15.15 -19.11
C SER B 74 8.59 -13.85 -18.33
N ALA B 75 7.36 -13.33 -18.29
CA ALA B 75 7.09 -12.09 -17.59
C ALA B 75 6.46 -12.27 -16.22
N GLY B 76 5.85 -13.43 -15.99
CA GLY B 76 5.24 -13.70 -14.70
C GLY B 76 3.97 -14.52 -14.80
N TRP B 77 3.39 -14.86 -13.65
CA TRP B 77 2.18 -15.66 -13.57
C TRP B 77 1.37 -15.24 -12.34
N TRP B 78 0.13 -15.70 -12.26
CA TRP B 78 -0.71 -15.38 -11.10
C TRP B 78 -1.89 -16.34 -10.96
N TRP B 79 -2.23 -16.64 -9.72
CA TRP B 79 -3.33 -17.52 -9.39
C TRP B 79 -4.25 -16.83 -8.39
N LYS B 80 -5.53 -17.18 -8.40
CA LYS B 80 -6.48 -16.58 -7.47
C LYS B 80 -7.13 -17.66 -6.61
N PHE B 81 -7.08 -17.46 -5.29
CA PHE B 81 -7.66 -18.44 -4.37
C PHE B 81 -8.81 -17.82 -3.58
N PRO B 82 -9.69 -18.67 -3.02
CA PRO B 82 -9.66 -20.14 -3.08
C PRO B 82 -10.18 -20.71 -4.39
N GLU B 83 -10.60 -19.83 -5.29
CA GLU B 83 -11.15 -20.23 -6.59
C GLU B 83 -10.30 -21.29 -7.30
N ALA B 84 -9.00 -21.05 -7.38
CA ALA B 84 -8.08 -21.97 -8.04
C ALA B 84 -8.15 -23.41 -7.53
N LEU B 85 -8.69 -23.59 -6.33
CA LEU B 85 -8.79 -24.91 -5.72
C LEU B 85 -10.21 -25.46 -5.71
N LYS B 86 -11.04 -24.99 -6.65
CA LYS B 86 -12.43 -25.41 -6.73
C LYS B 86 -12.59 -26.89 -7.09
N ASP B 87 -11.59 -27.46 -7.76
CA ASP B 87 -11.65 -28.86 -8.16
C ASP B 87 -10.61 -29.72 -7.45
N MET B 88 -10.15 -29.25 -6.29
CA MET B 88 -9.15 -29.99 -5.53
C MET B 88 -9.76 -30.82 -4.40
N GLY B 89 -9.80 -32.13 -4.60
CA GLY B 89 -10.34 -33.05 -3.61
C GLY B 89 -11.57 -32.59 -2.87
N LEU B 90 -11.56 -32.80 -1.55
CA LEU B 90 -12.68 -32.44 -0.70
C LEU B 90 -12.73 -30.95 -0.36
N PHE B 91 -11.62 -30.25 -0.54
CA PHE B 91 -11.60 -28.83 -0.25
C PHE B 91 -12.54 -28.14 -1.25
N GLY B 92 -12.55 -28.64 -2.47
CA GLY B 92 -13.40 -28.08 -3.50
C GLY B 92 -14.85 -28.50 -3.32
N GLN B 93 -15.05 -29.68 -2.74
CA GLN B 93 -16.39 -30.19 -2.50
C GLN B 93 -17.12 -29.37 -1.44
N ASN B 94 -16.39 -28.91 -0.44
CA ASN B 94 -16.99 -28.12 0.63
C ASN B 94 -17.32 -26.73 0.12
N MET B 95 -16.60 -26.27 -0.90
CA MET B 95 -16.84 -24.95 -1.49
C MET B 95 -18.18 -24.98 -2.21
N LEU B 96 -18.48 -26.10 -2.84
CA LEU B 96 -19.72 -26.27 -3.60
C LEU B 96 -20.94 -26.35 -2.69
N TYR B 97 -20.86 -27.24 -1.70
CA TYR B 97 -21.96 -27.46 -0.77
C TYR B 97 -22.17 -26.41 0.33
N HIS B 98 -21.22 -25.51 0.50
CA HIS B 98 -21.34 -24.49 1.54
C HIS B 98 -21.41 -23.07 1.01
N TYR B 99 -22.15 -22.23 1.72
CA TYR B 99 -22.32 -20.83 1.36
C TYR B 99 -21.14 -20.00 1.88
N LEU B 100 -20.66 -20.34 3.07
CA LEU B 100 -19.55 -19.62 3.69
C LEU B 100 -18.33 -20.50 3.92
N GLY B 101 -17.16 -19.88 3.82
CA GLY B 101 -15.91 -20.60 4.02
C GLY B 101 -14.86 -19.73 4.67
N ARG B 102 -13.82 -20.37 5.22
CA ARG B 102 -12.74 -19.67 5.89
C ARG B 102 -11.54 -20.60 5.96
N ALA B 103 -10.38 -20.14 5.48
CA ALA B 103 -9.19 -20.98 5.50
C ALA B 103 -7.89 -20.18 5.63
N GLY B 104 -6.81 -20.88 5.97
CA GLY B 104 -5.52 -20.24 6.13
C GLY B 104 -4.67 -20.27 4.89
N TYR B 105 -4.17 -21.46 4.54
CA TYR B 105 -3.33 -21.67 3.36
C TYR B 105 -1.83 -21.51 3.63
N THR B 106 -1.06 -22.45 3.12
CA THR B 106 0.39 -22.45 3.25
C THR B 106 0.94 -22.56 1.83
N ILE B 107 1.29 -21.42 1.24
CA ILE B 107 1.81 -21.39 -0.10
C ILE B 107 3.26 -21.85 -0.15
N HIS B 108 3.55 -22.80 -1.03
CA HIS B 108 4.90 -23.33 -1.19
C HIS B 108 5.25 -23.43 -2.66
N VAL B 109 6.00 -22.44 -3.15
CA VAL B 109 6.41 -22.42 -4.55
C VAL B 109 7.79 -23.06 -4.72
N GLN B 110 7.85 -24.08 -5.58
CA GLN B 110 9.10 -24.79 -5.85
C GLN B 110 9.68 -24.38 -7.19
N CYS B 111 11.00 -24.41 -7.28
CA CYS B 111 11.70 -24.06 -8.51
C CYS B 111 13.21 -24.22 -8.33
N ASN B 112 13.73 -25.33 -8.84
CA ASN B 112 15.16 -25.61 -8.73
C ASN B 112 15.86 -25.50 -10.08
N ALA B 113 17.15 -25.22 -10.05
CA ALA B 113 17.96 -25.10 -11.25
C ALA B 113 19.33 -25.71 -10.99
N SER B 114 20.36 -24.87 -10.95
CA SER B 114 21.72 -25.35 -10.69
C SER B 114 22.62 -24.15 -10.40
N LYS B 115 23.81 -24.43 -9.88
CA LYS B 115 24.75 -23.37 -9.55
C LYS B 115 25.24 -22.65 -10.81
N PHE B 116 24.79 -23.13 -11.96
CA PHE B 116 25.17 -22.54 -13.24
C PHE B 116 24.05 -21.74 -13.90
N HIS B 117 22.86 -21.81 -13.32
CA HIS B 117 21.71 -21.07 -13.82
C HIS B 117 21.58 -19.82 -12.96
N GLN B 118 20.78 -18.86 -13.42
CA GLN B 118 20.57 -17.64 -12.66
C GLN B 118 19.18 -17.07 -12.93
N GLY B 119 18.64 -16.39 -11.93
CA GLY B 119 17.32 -15.81 -12.05
C GLY B 119 16.77 -15.55 -10.67
N CYS B 120 15.75 -14.71 -10.58
CA CYS B 120 15.17 -14.38 -9.29
C CYS B 120 13.67 -14.12 -9.43
N LEU B 121 12.87 -14.92 -8.74
CA LEU B 121 11.43 -14.78 -8.77
C LEU B 121 10.92 -14.05 -7.52
N LEU B 122 9.71 -13.52 -7.62
CA LEU B 122 9.09 -12.82 -6.49
C LEU B 122 7.75 -13.47 -6.17
N VAL B 123 7.74 -14.32 -5.15
CA VAL B 123 6.51 -14.98 -4.73
C VAL B 123 5.78 -14.07 -3.76
N VAL B 124 4.60 -13.60 -4.17
CA VAL B 124 3.82 -12.69 -3.33
C VAL B 124 2.35 -13.09 -3.21
N CYS B 125 1.75 -12.74 -2.08
CA CYS B 125 0.33 -13.00 -1.83
C CYS B 125 -0.34 -11.65 -1.67
N VAL B 126 -1.13 -11.27 -2.67
CA VAL B 126 -1.83 -9.98 -2.64
C VAL B 126 -3.30 -10.10 -2.26
N PRO B 127 -3.66 -9.64 -1.05
CA PRO B 127 -5.05 -9.68 -0.58
C PRO B 127 -5.90 -8.71 -1.40
N GLU B 128 -7.10 -9.14 -1.79
CA GLU B 128 -7.99 -8.29 -2.58
C GLU B 128 -7.25 -7.69 -3.78
N ALA B 129 -6.63 -8.55 -4.57
CA ALA B 129 -5.88 -8.11 -5.74
C ALA B 129 -6.81 -7.75 -6.90
N GLU B 130 -7.63 -6.74 -6.69
CA GLU B 130 -8.55 -6.27 -7.72
C GLU B 130 -7.72 -5.84 -8.92
N MET B 131 -8.01 -6.42 -10.09
CA MET B 131 -7.25 -6.10 -11.29
C MET B 131 -8.01 -5.28 -12.33
N GLY B 132 -7.27 -4.58 -13.19
CA GLY B 132 -7.88 -3.76 -14.21
C GLY B 132 -8.04 -4.45 -15.56
N CYS B 133 -8.78 -3.82 -16.46
CA CYS B 133 -9.03 -4.35 -17.79
C CYS B 133 -8.07 -3.80 -18.83
N SER B 134 -7.85 -4.56 -19.90
CA SER B 134 -6.97 -4.15 -20.99
C SER B 134 -7.53 -2.88 -21.59
N GLN B 135 -8.81 -2.91 -21.94
CA GLN B 135 -9.50 -1.76 -22.50
C GLN B 135 -10.20 -1.02 -21.37
N THR B 136 -9.54 0.03 -20.88
CA THR B 136 -10.03 0.84 -19.78
C THR B 136 -11.49 1.27 -19.90
N ASP B 137 -12.05 1.16 -21.10
CA ASP B 137 -13.44 1.57 -21.31
C ASP B 137 -14.42 0.42 -21.07
N LYS B 138 -13.89 -0.81 -20.99
CA LYS B 138 -14.73 -1.98 -20.76
C LYS B 138 -14.44 -2.62 -19.41
N GLU B 139 -15.10 -3.76 -19.15
CA GLU B 139 -14.92 -4.48 -17.91
C GLU B 139 -14.20 -5.80 -18.13
N VAL B 140 -13.86 -6.49 -17.04
CA VAL B 140 -13.17 -7.76 -17.12
C VAL B 140 -14.14 -8.92 -16.89
N ALA B 141 -13.75 -10.11 -17.34
CA ALA B 141 -14.57 -11.30 -17.17
C ALA B 141 -13.87 -12.25 -16.21
N ALA B 142 -14.66 -12.88 -15.33
CA ALA B 142 -14.11 -13.81 -14.35
C ALA B 142 -13.17 -14.80 -15.02
N MET B 143 -13.55 -15.23 -16.21
CA MET B 143 -12.76 -16.18 -17.00
C MET B 143 -11.34 -15.68 -17.25
N ASN B 144 -11.17 -14.36 -17.27
CA ASN B 144 -9.86 -13.76 -17.51
C ASN B 144 -9.13 -13.42 -16.21
N LEU B 145 -9.83 -13.49 -15.09
CA LEU B 145 -9.24 -13.21 -13.79
C LEU B 145 -8.60 -14.47 -13.23
N THR B 146 -9.38 -15.55 -13.21
CA THR B 146 -8.91 -16.82 -12.69
C THR B 146 -9.57 -17.98 -13.45
N LYS B 147 -8.76 -18.97 -13.82
CA LYS B 147 -9.26 -20.12 -14.55
C LYS B 147 -8.81 -21.44 -13.92
N GLY B 148 -9.35 -21.75 -12.76
CA GLY B 148 -8.97 -22.97 -12.08
C GLY B 148 -7.49 -23.02 -11.76
N GLU B 149 -6.93 -24.22 -11.71
CA GLU B 149 -5.51 -24.40 -11.41
C GLU B 149 -4.62 -23.96 -12.57
N ALA B 150 -5.26 -23.49 -13.63
CA ALA B 150 -4.53 -23.01 -14.81
C ALA B 150 -4.10 -21.57 -14.53
N ALA B 151 -2.81 -21.32 -14.59
CA ALA B 151 -2.27 -20.00 -14.31
C ALA B 151 -2.38 -18.99 -15.45
N HIS B 152 -2.63 -17.75 -15.09
CA HIS B 152 -2.71 -16.65 -16.06
C HIS B 152 -1.30 -16.08 -16.01
N LYS B 153 -0.81 -15.55 -17.12
CA LYS B 153 0.54 -15.00 -17.12
C LYS B 153 0.63 -13.54 -17.51
N PHE B 154 1.61 -12.86 -16.93
CA PHE B 154 1.85 -11.45 -17.21
C PHE B 154 2.62 -11.32 -18.51
N GLU B 155 2.43 -10.22 -19.21
CA GLU B 155 3.11 -9.98 -20.47
C GLU B 155 4.09 -8.82 -20.35
N PRO B 156 5.22 -8.89 -21.04
CA PRO B 156 6.23 -7.83 -21.00
C PRO B 156 5.76 -6.56 -21.71
N THR B 157 4.62 -6.66 -22.38
CA THR B 157 4.05 -5.52 -23.11
C THR B 157 2.56 -5.37 -22.81
N LYS B 158 1.98 -4.29 -23.32
CA LYS B 158 0.56 -4.00 -23.11
C LYS B 158 -0.34 -5.03 -23.78
N THR B 159 -1.52 -5.24 -23.21
CA THR B 159 -2.49 -6.18 -23.76
C THR B 159 -3.60 -5.39 -24.46
N ASN B 160 -4.44 -6.08 -25.23
CA ASN B 160 -5.50 -5.40 -25.96
C ASN B 160 -6.88 -6.05 -25.80
N GLY B 161 -6.90 -7.27 -25.28
CA GLY B 161 -8.15 -7.99 -25.10
C GLY B 161 -9.37 -7.15 -24.73
N GLU B 162 -10.53 -7.59 -25.17
CA GLU B 162 -11.79 -6.91 -24.88
C GLU B 162 -12.05 -6.85 -23.38
N HIS B 163 -12.14 -8.02 -22.76
CA HIS B 163 -12.38 -8.11 -21.33
C HIS B 163 -11.22 -8.83 -20.65
N THR B 164 -10.02 -8.62 -21.19
CA THR B 164 -8.81 -9.23 -20.66
C THR B 164 -8.20 -8.32 -19.60
N VAL B 165 -7.32 -8.90 -18.78
CA VAL B 165 -6.66 -8.16 -17.72
C VAL B 165 -5.38 -7.52 -18.28
N GLN B 166 -5.12 -6.29 -17.89
CA GLN B 166 -3.92 -5.58 -18.35
C GLN B 166 -2.68 -6.31 -17.80
N SER B 167 -2.30 -7.38 -18.50
CA SER B 167 -1.16 -8.21 -18.10
C SER B 167 0.22 -7.57 -18.10
N ILE B 168 0.32 -6.32 -18.52
CA ILE B 168 1.64 -5.67 -18.54
C ILE B 168 2.22 -5.73 -17.12
N VAL B 169 3.34 -6.45 -16.99
CA VAL B 169 4.01 -6.66 -15.72
C VAL B 169 4.31 -5.42 -14.87
N CYS B 170 5.03 -4.46 -15.44
CA CYS B 170 5.40 -3.25 -14.72
C CYS B 170 4.31 -2.65 -13.81
N ASN B 171 3.05 -2.93 -14.13
CA ASN B 171 1.93 -2.41 -13.33
C ASN B 171 1.20 -3.51 -12.57
N ALA B 172 1.69 -4.74 -12.70
CA ALA B 172 1.12 -5.90 -12.01
C ALA B 172 -0.38 -6.04 -12.22
N GLY B 173 -0.91 -5.38 -13.25
CA GLY B 173 -2.33 -5.45 -13.54
C GLY B 173 -3.17 -4.84 -12.43
N MET B 174 -2.60 -3.88 -11.71
CA MET B 174 -3.31 -3.21 -10.62
C MET B 174 -3.10 -1.70 -10.67
N GLY B 175 -2.30 -1.25 -11.62
CA GLY B 175 -2.03 0.18 -11.74
C GLY B 175 -1.07 0.68 -10.68
N VAL B 176 -0.11 -0.16 -10.31
CA VAL B 176 0.88 0.18 -9.30
C VAL B 176 2.27 -0.25 -9.75
N GLY B 177 3.27 0.01 -8.89
CA GLY B 177 4.63 -0.37 -9.22
C GLY B 177 4.95 -1.75 -8.70
N VAL B 178 5.49 -2.60 -9.56
CA VAL B 178 5.84 -3.97 -9.18
C VAL B 178 6.88 -4.00 -8.07
N GLY B 179 7.76 -3.00 -8.06
CA GLY B 179 8.80 -2.94 -7.05
C GLY B 179 8.28 -2.68 -5.64
N ASN B 180 6.99 -2.38 -5.53
CA ASN B 180 6.39 -2.11 -4.23
C ASN B 180 5.54 -3.27 -3.71
N LEU B 181 5.48 -4.36 -4.46
CA LEU B 181 4.70 -5.51 -4.06
C LEU B 181 5.30 -6.19 -2.82
N THR B 182 6.50 -5.75 -2.44
CA THR B 182 7.19 -6.31 -1.28
C THR B 182 6.47 -5.95 0.01
N ILE B 183 5.42 -5.14 -0.09
CA ILE B 183 4.66 -4.74 1.09
C ILE B 183 3.66 -5.82 1.47
N TYR B 184 3.59 -6.87 0.66
CA TYR B 184 2.69 -7.98 0.90
C TYR B 184 3.50 -9.19 1.34
N PRO B 185 2.87 -10.16 2.02
CA PRO B 185 3.60 -11.35 2.46
C PRO B 185 4.33 -11.94 1.25
N HIS B 186 5.65 -12.01 1.31
CA HIS B 186 6.41 -12.52 0.16
C HIS B 186 7.76 -13.11 0.50
N GLN B 187 8.39 -13.64 -0.54
CA GLN B 187 9.72 -14.23 -0.48
C GLN B 187 10.24 -14.25 -1.90
N TRP B 188 11.56 -14.36 -2.05
CA TRP B 188 12.15 -14.41 -3.37
C TRP B 188 12.74 -15.78 -3.58
N ILE B 189 12.98 -16.14 -4.84
CA ILE B 189 13.59 -17.42 -5.15
C ILE B 189 14.81 -17.14 -6.01
N ASN B 190 15.88 -16.72 -5.35
CA ASN B 190 17.14 -16.40 -6.02
C ASN B 190 17.87 -17.73 -6.20
N LEU B 191 17.74 -18.32 -7.37
CA LEU B 191 18.35 -19.59 -7.72
C LEU B 191 19.74 -19.86 -7.14
N ARG B 192 20.56 -18.83 -7.01
CA ARG B 192 21.91 -19.01 -6.48
C ARG B 192 21.94 -19.25 -4.97
N THR B 193 20.79 -19.10 -4.32
CA THR B 193 20.70 -19.31 -2.88
C THR B 193 19.44 -20.09 -2.50
N ASN B 194 18.37 -19.88 -3.25
CA ASN B 194 17.10 -20.55 -2.97
C ASN B 194 16.85 -21.84 -3.73
N ASN B 195 15.60 -22.28 -3.65
CA ASN B 195 15.15 -23.52 -4.27
C ASN B 195 13.63 -23.56 -4.14
N CYS B 196 13.09 -22.70 -3.30
CA CYS B 196 11.65 -22.63 -3.08
C CYS B 196 11.29 -21.44 -2.17
N ALA B 197 9.99 -21.26 -1.96
CA ALA B 197 9.50 -20.17 -1.11
C ALA B 197 8.21 -20.59 -0.43
N THR B 198 8.12 -20.35 0.88
CA THR B 198 6.93 -20.71 1.63
C THR B 198 6.34 -19.49 2.32
N ILE B 199 5.02 -19.38 2.29
CA ILE B 199 4.32 -18.27 2.92
C ILE B 199 3.06 -18.77 3.59
N VAL B 200 2.95 -18.53 4.89
CA VAL B 200 1.77 -18.96 5.64
C VAL B 200 0.82 -17.77 5.75
N MET B 201 -0.24 -17.80 4.94
CA MET B 201 -1.21 -16.72 4.93
C MET B 201 -2.38 -16.95 5.88
N PRO B 202 -2.65 -15.99 6.77
CA PRO B 202 -3.76 -16.12 7.71
C PRO B 202 -5.01 -15.57 7.01
N TYR B 203 -6.19 -15.98 7.47
CA TYR B 203 -7.41 -15.49 6.84
C TYR B 203 -7.48 -13.96 6.93
N VAL B 204 -7.39 -13.31 5.78
CA VAL B 204 -7.44 -11.84 5.74
C VAL B 204 -8.66 -11.37 4.96
N ASN B 205 -9.58 -10.70 5.64
CA ASN B 205 -10.79 -10.20 5.02
C ASN B 205 -11.51 -9.29 6.02
N SER B 206 -12.39 -8.43 5.52
CA SER B 206 -13.13 -7.50 6.37
C SER B 206 -14.38 -8.17 6.94
N VAL B 207 -14.45 -9.49 6.81
CA VAL B 207 -15.60 -10.26 7.30
C VAL B 207 -15.13 -11.60 7.86
N PRO B 208 -15.79 -12.09 8.92
CA PRO B 208 -15.43 -13.37 9.54
C PRO B 208 -15.32 -14.51 8.54
N MET B 209 -16.25 -14.55 7.60
CA MET B 209 -16.28 -15.57 6.56
C MET B 209 -16.77 -14.94 5.26
N ASP B 210 -16.80 -15.72 4.19
CA ASP B 210 -17.26 -15.22 2.91
C ASP B 210 -17.38 -16.36 1.92
N ASN B 211 -18.07 -16.12 0.81
CA ASN B 211 -18.25 -17.13 -0.23
C ASN B 211 -16.89 -17.36 -0.89
N MET B 212 -16.64 -18.59 -1.32
CA MET B 212 -15.35 -18.92 -1.91
C MET B 212 -15.32 -18.93 -3.44
N PHE B 213 -16.49 -18.77 -4.07
CA PHE B 213 -16.58 -18.74 -5.53
C PHE B 213 -16.72 -17.30 -6.00
N ARG B 214 -17.55 -16.54 -5.28
CA ARG B 214 -17.80 -15.15 -5.61
C ARG B 214 -16.66 -14.22 -5.22
N HIS B 215 -15.91 -14.58 -4.19
CA HIS B 215 -14.82 -13.74 -3.72
C HIS B 215 -13.43 -14.40 -3.82
N TYR B 216 -12.47 -13.67 -4.38
CA TYR B 216 -11.10 -14.15 -4.51
C TYR B 216 -10.29 -13.45 -3.41
N ASN B 217 -10.24 -14.08 -2.24
CA ASN B 217 -9.54 -13.52 -1.10
C ASN B 217 -8.14 -12.97 -1.37
N PHE B 218 -7.31 -13.71 -2.09
CA PHE B 218 -5.97 -13.23 -2.39
C PHE B 218 -5.42 -13.81 -3.67
N THR B 219 -4.46 -13.11 -4.26
CA THR B 219 -3.84 -13.53 -5.51
C THR B 219 -2.35 -13.82 -5.33
N LEU B 220 -1.92 -14.98 -5.81
CA LEU B 220 -0.52 -15.37 -5.73
C LEU B 220 0.17 -14.97 -7.03
N MET B 221 1.16 -14.10 -6.94
CA MET B 221 1.89 -13.67 -8.12
C MET B 221 3.36 -14.05 -8.07
N VAL B 222 3.86 -14.62 -9.16
CA VAL B 222 5.25 -15.03 -9.25
C VAL B 222 5.89 -14.25 -10.40
N ILE B 223 6.49 -13.11 -10.06
CA ILE B 223 7.12 -12.24 -11.05
C ILE B 223 8.64 -12.25 -10.97
N PRO B 224 9.31 -12.63 -12.07
CA PRO B 224 10.77 -12.67 -12.10
C PRO B 224 11.42 -11.30 -12.32
N PHE B 225 12.31 -10.91 -11.41
CA PHE B 225 13.00 -9.63 -11.52
C PHE B 225 14.37 -9.84 -12.14
N ALA B 226 14.85 -11.08 -12.08
CA ALA B 226 16.14 -11.43 -12.66
C ALA B 226 15.83 -12.51 -13.70
N PRO B 227 15.90 -12.16 -14.99
CA PRO B 227 15.63 -13.08 -16.09
C PRO B 227 16.39 -14.40 -16.00
N LEU B 228 15.69 -15.49 -16.27
CA LEU B 228 16.32 -16.81 -16.23
C LEU B 228 17.37 -16.84 -17.33
N ASP B 229 18.56 -17.32 -17.01
CA ASP B 229 19.61 -17.39 -18.00
C ASP B 229 20.57 -18.55 -17.71
N TYR B 230 21.32 -18.95 -18.73
CA TYR B 230 22.27 -20.04 -18.62
C TYR B 230 23.08 -20.18 -19.89
N ALA B 231 24.08 -21.05 -19.86
CA ALA B 231 24.94 -21.28 -21.02
C ALA B 231 24.41 -22.44 -21.85
N ALA B 232 25.16 -22.80 -22.89
CA ALA B 232 24.77 -23.89 -23.77
C ALA B 232 24.90 -25.23 -23.08
N GLN B 233 24.06 -26.19 -23.49
CA GLN B 233 24.04 -27.52 -22.92
C GLN B 233 23.55 -27.56 -21.48
N ALA B 234 23.07 -26.42 -20.99
CA ALA B 234 22.54 -26.34 -19.64
C ALA B 234 21.02 -26.48 -19.72
N SER B 235 20.47 -27.43 -18.96
CA SER B 235 19.04 -27.68 -18.94
C SER B 235 18.23 -26.41 -19.20
N GLU B 236 17.49 -26.40 -20.30
CA GLU B 236 16.69 -25.24 -20.68
C GLU B 236 15.30 -25.29 -20.07
N TYR B 237 14.91 -26.45 -19.55
CA TYR B 237 13.60 -26.61 -18.94
C TYR B 237 13.65 -26.37 -17.44
N VAL B 238 13.13 -25.22 -17.02
CA VAL B 238 13.11 -24.86 -15.60
C VAL B 238 11.66 -24.58 -15.20
N PRO B 239 10.97 -25.61 -14.69
CA PRO B 239 9.57 -25.47 -14.27
C PRO B 239 9.42 -24.82 -12.89
N VAL B 240 8.24 -24.25 -12.65
CA VAL B 240 7.91 -23.61 -11.40
C VAL B 240 6.58 -24.19 -10.92
N THR B 241 6.64 -25.02 -9.88
CA THR B 241 5.42 -25.65 -9.36
C THR B 241 4.91 -24.96 -8.10
N VAL B 242 3.59 -24.83 -8.01
CA VAL B 242 2.96 -24.19 -6.87
C VAL B 242 2.12 -25.18 -6.07
N THR B 243 2.38 -25.25 -4.77
CA THR B 243 1.66 -26.14 -3.87
C THR B 243 1.07 -25.31 -2.75
N ILE B 244 -0.21 -25.54 -2.43
CA ILE B 244 -0.87 -24.80 -1.37
C ILE B 244 -1.75 -25.72 -0.52
N ALA B 245 -1.75 -25.48 0.80
CA ALA B 245 -2.54 -26.29 1.71
C ALA B 245 -3.39 -25.43 2.64
N PRO B 246 -4.72 -25.61 2.61
CA PRO B 246 -5.64 -24.86 3.46
C PRO B 246 -5.37 -25.13 4.94
N MET B 247 -5.65 -24.14 5.78
CA MET B 247 -5.44 -24.29 7.21
C MET B 247 -6.64 -23.79 8.01
N CYS B 248 -7.07 -24.58 8.99
CA CYS B 248 -8.22 -24.20 9.81
C CYS B 248 -9.44 -23.92 8.93
N ALA B 249 -9.72 -24.84 8.01
CA ALA B 249 -10.84 -24.69 7.11
C ALA B 249 -12.19 -24.91 7.79
N GLU B 250 -13.02 -23.87 7.77
CA GLU B 250 -14.35 -23.91 8.37
C GLU B 250 -15.39 -23.63 7.30
N TYR B 251 -16.56 -24.24 7.44
CA TYR B 251 -17.63 -24.05 6.47
C TYR B 251 -18.99 -23.88 7.14
N ASN B 252 -19.82 -23.03 6.54
CA ASN B 252 -21.16 -22.77 7.05
C ASN B 252 -22.16 -22.67 5.91
N GLY B 253 -23.44 -22.84 6.24
CA GLY B 253 -24.48 -22.76 5.22
C GLY B 253 -24.45 -23.93 4.25
N LEU B 254 -24.78 -25.11 4.75
CA LEU B 254 -24.80 -26.32 3.92
C LEU B 254 -26.09 -26.36 3.10
N ARG B 255 -25.94 -26.62 1.80
CA ARG B 255 -27.08 -26.68 0.90
C ARG B 255 -26.69 -27.46 -0.36
N LEU B 256 -27.59 -27.49 -1.35
CA LEU B 256 -27.33 -28.19 -2.59
C LEU B 256 -26.09 -27.64 -3.30
N ALA B 257 -25.22 -28.54 -3.75
CA ALA B 257 -23.99 -28.15 -4.44
C ALA B 257 -24.24 -27.11 -5.53
N TYR B 258 -23.29 -26.18 -5.68
CA TYR B 258 -23.40 -25.14 -6.69
C TYR B 258 -22.90 -25.62 -8.05
N GLN B 259 -23.74 -25.44 -9.07
CA GLN B 259 -23.38 -25.86 -10.42
C GLN B 259 -22.45 -24.84 -11.07
N GLN B 260 -21.20 -25.24 -11.27
CA GLN B 260 -20.21 -24.36 -11.86
C GLN B 260 -20.59 -23.98 -13.29
N GLY C 1 -27.67 35.64 29.05
CA GLY C 1 -26.81 34.46 29.35
C GLY C 1 -25.38 34.85 29.68
N LEU C 2 -24.50 33.87 29.77
CA LEU C 2 -23.09 34.13 30.09
C LEU C 2 -22.50 35.07 29.05
N PRO C 3 -22.06 36.27 29.47
CA PRO C 3 -21.46 37.23 28.55
C PRO C 3 -20.29 36.60 27.81
N VAL C 4 -20.41 36.52 26.49
CA VAL C 4 -19.37 35.93 25.66
C VAL C 4 -18.89 36.86 24.55
N LEU C 5 -17.63 36.72 24.17
CA LEU C 5 -17.02 37.54 23.13
C LEU C 5 -16.37 36.64 22.08
N ASN C 6 -16.90 36.68 20.86
CA ASN C 6 -16.37 35.86 19.77
C ASN C 6 -14.99 36.31 19.31
N THR C 7 -14.06 35.37 19.24
CA THR C 7 -12.70 35.66 18.83
C THR C 7 -12.52 35.43 17.33
N PRO C 8 -11.55 36.11 16.70
CA PRO C 8 -11.32 35.94 15.27
C PRO C 8 -11.07 34.48 14.91
N GLY C 9 -11.67 34.03 13.81
CA GLY C 9 -11.53 32.66 13.38
C GLY C 9 -12.82 31.90 13.64
N SER C 10 -13.84 32.63 14.06
CA SER C 10 -15.14 32.04 14.34
C SER C 10 -15.92 31.78 13.06
N ASN C 11 -16.72 30.72 13.08
CA ASN C 11 -17.54 30.35 11.93
C ASN C 11 -16.74 29.96 10.69
N GLN C 12 -15.42 29.89 10.83
CA GLN C 12 -14.59 29.51 9.70
C GLN C 12 -14.54 27.99 9.62
N PHE C 13 -13.90 27.46 8.58
CA PHE C 13 -13.78 26.03 8.41
C PHE C 13 -12.39 25.65 7.95
N MET C 14 -11.58 25.17 8.90
CA MET C 14 -10.21 24.76 8.61
C MET C 14 -10.19 23.24 8.46
N THR C 15 -9.78 22.76 7.30
CA THR C 15 -9.73 21.34 7.01
C THR C 15 -8.92 20.51 8.02
N SER C 16 -8.05 21.17 8.76
CA SER C 16 -7.23 20.46 9.75
C SER C 16 -7.59 20.78 11.19
N ASP C 17 -8.83 21.22 11.42
CA ASP C 17 -9.27 21.54 12.77
C ASP C 17 -9.53 20.23 13.51
N ASP C 18 -10.23 20.30 14.64
CA ASP C 18 -10.52 19.09 15.41
C ASP C 18 -11.47 19.39 16.57
N PHE C 19 -12.74 19.60 16.25
CA PHE C 19 -13.75 19.90 17.26
C PHE C 19 -14.76 18.76 17.35
N GLN C 20 -15.66 18.86 18.31
CA GLN C 20 -16.71 17.86 18.47
C GLN C 20 -17.89 18.31 17.62
N SER C 21 -18.77 17.37 17.28
CA SER C 21 -19.93 17.70 16.46
C SER C 21 -21.03 16.67 16.65
N PRO C 22 -22.29 17.11 16.64
CA PRO C 22 -23.44 16.22 16.80
C PRO C 22 -23.51 15.10 15.77
N SER C 23 -23.84 13.90 16.23
CA SER C 23 -23.94 12.74 15.35
C SER C 23 -25.29 12.75 14.65
N ALA C 24 -25.27 12.58 13.34
CA ALA C 24 -26.49 12.56 12.54
C ALA C 24 -27.25 11.25 12.75
N MET C 25 -26.58 10.27 13.35
CA MET C 25 -27.18 8.97 13.61
C MET C 25 -27.02 8.58 15.07
N PRO C 26 -27.87 9.14 15.95
CA PRO C 26 -27.85 8.87 17.39
C PRO C 26 -28.04 7.40 17.77
N GLN C 27 -27.26 6.96 18.76
CA GLN C 27 -27.33 5.59 19.25
C GLN C 27 -27.14 4.51 18.19
N PHE C 28 -26.30 4.78 17.19
CA PHE C 28 -26.05 3.79 16.15
C PHE C 28 -25.18 2.68 16.72
N ASP C 29 -25.59 1.44 16.53
CA ASP C 29 -24.84 0.30 17.03
C ASP C 29 -23.76 -0.12 16.04
N VAL C 30 -22.54 0.38 16.26
CA VAL C 30 -21.41 0.05 15.39
C VAL C 30 -21.19 -1.46 15.31
N THR C 31 -20.80 -1.93 14.11
CA THR C 31 -20.55 -3.34 13.89
C THR C 31 -19.39 -3.80 14.78
N PRO C 32 -19.56 -4.94 15.46
CA PRO C 32 -18.51 -5.48 16.34
C PRO C 32 -17.13 -5.42 15.71
N HIS C 33 -16.13 -5.05 16.51
CA HIS C 33 -14.77 -4.96 16.04
C HIS C 33 -14.18 -6.35 15.81
N MET C 34 -13.50 -6.53 14.69
CA MET C 34 -12.88 -7.81 14.36
C MET C 34 -11.38 -7.62 14.21
N ASP C 35 -10.61 -8.49 14.85
CA ASP C 35 -9.16 -8.43 14.81
C ASP C 35 -8.64 -8.91 13.45
N ILE C 36 -8.33 -7.96 12.58
CA ILE C 36 -7.82 -8.25 11.25
C ILE C 36 -6.29 -8.20 11.20
N PRO C 37 -5.67 -9.15 10.50
CA PRO C 37 -4.21 -9.20 10.37
C PRO C 37 -3.61 -7.99 9.68
N GLY C 38 -2.34 -7.72 9.98
CA GLY C 38 -1.63 -6.61 9.37
C GLY C 38 -2.20 -5.22 9.55
N GLU C 39 -2.37 -4.79 10.80
CA GLU C 39 -2.88 -3.45 11.06
C GLU C 39 -1.74 -2.44 11.05
N VAL C 40 -2.01 -1.26 10.52
CA VAL C 40 -1.02 -0.20 10.45
C VAL C 40 -1.34 0.87 11.49
N HIS C 41 -0.32 1.30 12.22
CA HIS C 41 -0.48 2.32 13.24
C HIS C 41 0.19 3.61 12.80
N ASN C 42 1.38 3.48 12.23
CA ASN C 42 2.14 4.62 11.77
C ASN C 42 2.64 4.34 10.36
N LEU C 43 2.53 5.33 9.48
CA LEU C 43 2.96 5.17 8.08
C LEU C 43 4.42 4.77 7.97
N MET C 44 5.22 5.12 8.98
CA MET C 44 6.64 4.78 8.96
C MET C 44 6.84 3.28 8.94
N GLU C 45 5.82 2.53 9.36
CA GLU C 45 5.90 1.08 9.37
C GLU C 45 6.01 0.59 7.92
N ILE C 46 5.52 1.40 7.00
CA ILE C 46 5.55 1.08 5.58
C ILE C 46 6.85 1.53 4.93
N ALA C 47 7.28 2.74 5.26
CA ALA C 47 8.51 3.29 4.71
C ALA C 47 9.74 2.52 5.18
N GLU C 48 9.54 1.65 6.17
CA GLU C 48 10.64 0.85 6.70
C GLU C 48 10.72 -0.51 6.02
N VAL C 49 9.86 -0.73 5.03
CA VAL C 49 9.83 -2.00 4.31
C VAL C 49 10.58 -1.84 2.98
N ASP C 50 11.54 -2.74 2.75
CA ASP C 50 12.33 -2.70 1.52
C ASP C 50 11.44 -2.83 0.30
N SER C 51 11.77 -2.06 -0.74
CA SER C 51 11.04 -2.09 -2.00
C SER C 51 12.08 -1.94 -3.12
N VAL C 52 11.89 -2.71 -4.19
CA VAL C 52 12.81 -2.67 -5.32
C VAL C 52 12.94 -1.27 -5.90
N VAL C 53 14.18 -0.83 -6.08
CA VAL C 53 14.47 0.50 -6.62
C VAL C 53 14.82 0.44 -8.10
N PRO C 54 14.15 1.25 -8.93
CA PRO C 54 14.40 1.30 -10.37
C PRO C 54 15.59 2.18 -10.70
N VAL C 55 16.79 1.70 -10.37
CA VAL C 55 18.02 2.43 -10.62
C VAL C 55 18.29 2.66 -12.10
N ASN C 56 17.95 1.67 -12.92
CA ASN C 56 18.14 1.75 -14.36
C ASN C 56 16.90 2.36 -15.03
N ASN C 57 16.52 3.54 -14.56
CA ASN C 57 15.35 4.24 -15.08
C ASN C 57 15.60 5.07 -16.33
N ILE C 58 16.09 4.42 -17.39
CA ILE C 58 16.33 5.13 -18.64
C ILE C 58 15.07 5.03 -19.49
N LYS C 59 14.82 6.07 -20.28
CA LYS C 59 13.63 6.13 -21.13
C LYS C 59 13.17 4.81 -21.74
N ALA C 60 14.13 4.01 -22.20
CA ALA C 60 13.80 2.72 -22.81
C ALA C 60 13.31 1.64 -21.86
N ASN C 61 13.47 1.85 -20.56
CA ASN C 61 13.03 0.85 -19.58
C ASN C 61 11.95 1.33 -18.61
N LEU C 62 11.42 2.53 -18.85
CA LEU C 62 10.40 3.08 -17.96
C LEU C 62 9.14 2.23 -17.82
N GLN C 63 9.06 1.12 -18.56
CA GLN C 63 7.91 0.24 -18.47
C GLN C 63 8.26 -1.24 -18.60
N SER C 64 9.47 -1.58 -18.16
CA SER C 64 9.92 -2.97 -18.20
C SER C 64 10.69 -3.28 -16.92
N MET C 65 10.88 -4.57 -16.66
CA MET C 65 11.59 -4.99 -15.46
C MET C 65 13.06 -4.60 -15.52
N ASP C 66 13.52 -4.17 -16.69
CA ASP C 66 14.91 -3.77 -16.87
C ASP C 66 15.20 -2.51 -16.06
N ALA C 67 14.13 -1.81 -15.68
CA ALA C 67 14.27 -0.59 -14.89
C ALA C 67 14.91 -0.89 -13.54
N TYR C 68 14.70 -2.12 -13.06
CA TYR C 68 15.23 -2.56 -11.77
C TYR C 68 16.59 -3.25 -11.92
N HIS C 69 16.90 -3.68 -13.14
CA HIS C 69 18.15 -4.38 -13.40
C HIS C 69 19.39 -3.49 -13.33
N ILE C 70 20.39 -3.97 -12.61
CA ILE C 70 21.66 -3.27 -12.47
C ILE C 70 22.72 -4.29 -12.90
N GLU C 71 22.99 -4.34 -14.21
CA GLU C 71 23.95 -5.28 -14.76
C GLU C 71 25.38 -5.14 -14.27
N VAL C 72 26.06 -6.27 -14.21
CA VAL C 72 27.46 -6.36 -13.81
C VAL C 72 28.05 -7.42 -14.73
N ASN C 73 29.22 -7.15 -15.28
CA ASN C 73 29.84 -8.09 -16.20
C ASN C 73 31.21 -8.57 -15.79
N THR C 74 31.63 -9.68 -16.39
CA THR C 74 32.93 -10.27 -16.13
C THR C 74 33.93 -9.56 -17.03
N GLY C 75 35.20 -9.58 -16.66
CA GLY C 75 36.20 -8.92 -17.47
C GLY C 75 36.62 -7.61 -16.84
N ASN C 76 37.70 -7.03 -17.34
CA ASN C 76 38.21 -5.78 -16.82
C ASN C 76 37.26 -4.61 -17.04
N TYR C 77 36.87 -3.95 -15.94
CA TYR C 77 35.98 -2.80 -15.99
C TYR C 77 36.39 -1.82 -14.91
N GLN C 78 37.69 -1.83 -14.59
CA GLN C 78 38.24 -0.94 -13.58
C GLN C 78 38.06 0.51 -14.02
N GLY C 79 37.78 1.39 -13.07
CA GLY C 79 37.59 2.79 -13.40
C GLY C 79 36.21 3.09 -13.94
N GLU C 80 35.42 2.04 -14.17
CA GLU C 80 34.06 2.20 -14.67
C GLU C 80 33.05 2.24 -13.54
N LYS C 81 32.17 3.24 -13.58
CA LYS C 81 31.15 3.42 -12.56
C LYS C 81 29.93 2.57 -12.91
N ILE C 82 29.64 1.58 -12.09
CA ILE C 82 28.49 0.70 -12.32
C ILE C 82 27.18 1.46 -12.32
N PHE C 83 27.04 2.42 -11.41
CA PHE C 83 25.85 3.25 -11.33
C PHE C 83 26.03 4.36 -10.31
N ALA C 84 25.09 5.31 -10.30
CA ALA C 84 25.16 6.43 -9.37
C ALA C 84 23.86 7.23 -9.38
N PHE C 85 23.61 7.95 -8.30
CA PHE C 85 22.42 8.78 -8.19
C PHE C 85 22.48 9.66 -6.94
N GLN C 86 21.62 10.67 -6.90
CA GLN C 86 21.56 11.59 -5.77
C GLN C 86 20.79 10.96 -4.62
N MET C 87 20.91 11.56 -3.44
CA MET C 87 20.21 11.06 -2.27
C MET C 87 18.97 11.90 -1.96
N GLN C 88 17.96 11.77 -2.82
CA GLN C 88 16.71 12.50 -2.65
C GLN C 88 15.59 11.48 -2.58
N PRO C 89 15.37 10.90 -1.39
CA PRO C 89 14.35 9.89 -1.12
C PRO C 89 12.98 10.19 -1.71
N GLY C 90 12.64 11.47 -1.83
CA GLY C 90 11.34 11.83 -2.37
C GLY C 90 11.37 12.62 -3.67
N LEU C 91 12.54 13.14 -4.03
CA LEU C 91 12.67 13.93 -5.26
C LEU C 91 13.38 13.16 -6.38
N GLU C 92 14.41 12.41 -6.02
CA GLU C 92 15.17 11.63 -6.99
C GLU C 92 14.25 10.65 -7.72
N SER C 93 14.28 10.68 -9.04
CA SER C 93 13.43 9.80 -9.86
C SER C 93 13.63 8.33 -9.52
N VAL C 94 14.81 7.99 -9.01
CA VAL C 94 15.13 6.62 -8.65
C VAL C 94 14.37 6.14 -7.41
N PHE C 95 14.23 7.01 -6.42
CA PHE C 95 13.53 6.68 -5.18
C PHE C 95 12.10 7.21 -5.18
N LYS C 96 11.90 8.33 -5.86
CA LYS C 96 10.61 9.00 -5.97
C LYS C 96 9.37 8.11 -5.88
N ARG C 97 9.42 6.93 -6.48
CA ARG C 97 8.27 6.03 -6.49
C ARG C 97 8.30 4.80 -5.58
N THR C 98 9.41 4.56 -4.89
CA THR C 98 9.50 3.41 -4.00
C THR C 98 8.55 3.61 -2.83
N LEU C 99 8.20 2.53 -2.13
CA LEU C 99 7.31 2.62 -0.98
C LEU C 99 7.75 3.76 -0.07
N MET C 100 9.05 3.82 0.20
CA MET C 100 9.61 4.86 1.04
C MET C 100 9.32 6.24 0.47
N GLY C 101 9.92 6.54 -0.68
CA GLY C 101 9.72 7.83 -1.31
C GLY C 101 8.27 8.17 -1.58
N GLU C 102 7.48 7.16 -1.91
CA GLU C 102 6.07 7.35 -2.20
C GLU C 102 5.34 7.96 -1.00
N ILE C 103 5.80 7.61 0.19
CA ILE C 103 5.19 8.13 1.43
C ILE C 103 5.73 9.51 1.76
N LEU C 104 7.03 9.72 1.55
CA LEU C 104 7.65 11.01 1.82
C LEU C 104 6.96 12.13 1.05
N ASN C 105 6.36 11.80 -0.08
CA ASN C 105 5.68 12.80 -0.90
C ASN C 105 4.37 13.30 -0.31
N TYR C 106 4.01 12.79 0.86
CA TYR C 106 2.81 13.22 1.55
C TYR C 106 3.26 14.14 2.68
N TYR C 107 4.58 14.34 2.75
CA TYR C 107 5.21 15.18 3.75
C TYR C 107 6.25 16.07 3.09
N ALA C 108 6.59 17.18 3.73
CA ALA C 108 7.57 18.10 3.18
C ALA C 108 8.93 18.00 3.86
N HIS C 109 8.95 17.43 5.06
CA HIS C 109 10.20 17.29 5.82
C HIS C 109 10.50 15.82 6.11
N TRP C 110 11.78 15.48 6.11
CA TRP C 110 12.20 14.11 6.41
C TRP C 110 13.55 14.11 7.12
N SER C 111 13.84 13.02 7.82
CA SER C 111 15.09 12.87 8.55
C SER C 111 15.32 11.42 8.91
N GLY C 112 16.59 11.03 9.00
CA GLY C 112 16.92 9.66 9.33
C GLY C 112 17.84 9.01 8.32
N SER C 113 18.23 7.76 8.60
CA SER C 113 19.11 7.02 7.71
C SER C 113 18.31 6.17 6.74
N ILE C 114 18.99 5.66 5.72
CA ILE C 114 18.35 4.82 4.72
C ILE C 114 19.15 3.55 4.48
N LYS C 115 18.44 2.44 4.31
CA LYS C 115 19.09 1.15 4.08
C LYS C 115 18.99 0.71 2.62
N LEU C 116 20.11 0.77 1.91
CA LEU C 116 20.15 0.35 0.52
C LEU C 116 20.68 -1.07 0.46
N THR C 117 19.77 -2.03 0.30
CA THR C 117 20.15 -3.43 0.23
C THR C 117 20.35 -3.88 -1.22
N PHE C 118 21.49 -4.48 -1.48
CA PHE C 118 21.83 -4.96 -2.82
C PHE C 118 21.88 -6.48 -2.84
N THR C 119 21.20 -7.07 -3.81
CA THR C 119 21.15 -8.51 -3.95
C THR C 119 21.72 -8.98 -5.28
N PHE C 120 22.68 -9.90 -5.23
CA PHE C 120 23.30 -10.44 -6.43
C PHE C 120 22.43 -11.58 -6.94
N CYS C 121 21.96 -11.47 -8.18
CA CYS C 121 21.10 -12.49 -8.75
C CYS C 121 21.81 -13.38 -9.77
N GLY C 122 23.13 -13.30 -9.82
CA GLY C 122 23.88 -14.12 -10.75
C GLY C 122 23.79 -15.58 -10.37
N SER C 123 24.62 -16.42 -10.97
CA SER C 123 24.62 -17.83 -10.67
C SER C 123 25.40 -18.08 -9.38
N ALA C 124 25.27 -19.28 -8.83
CA ALA C 124 25.96 -19.63 -7.60
C ALA C 124 27.46 -19.79 -7.80
N MET C 125 27.90 -19.78 -9.05
CA MET C 125 29.32 -19.93 -9.37
C MET C 125 30.03 -18.59 -9.55
N ALA C 126 29.27 -17.54 -9.83
CA ALA C 126 29.84 -16.22 -10.03
C ALA C 126 30.29 -15.62 -8.71
N THR C 127 31.44 -14.95 -8.73
CA THR C 127 32.00 -14.33 -7.54
C THR C 127 32.40 -12.89 -7.87
N GLY C 128 32.65 -12.10 -6.84
CA GLY C 128 33.06 -10.71 -7.07
C GLY C 128 32.95 -9.82 -5.86
N LYS C 129 33.56 -8.65 -5.95
CA LYS C 129 33.55 -7.67 -4.87
C LYS C 129 33.24 -6.29 -5.44
N LEU C 130 32.18 -5.67 -4.91
CA LEU C 130 31.78 -4.34 -5.37
C LEU C 130 32.00 -3.32 -4.26
N LEU C 131 32.26 -2.07 -4.65
CA LEU C 131 32.48 -1.01 -3.69
C LEU C 131 31.30 -0.05 -3.72
N LEU C 132 30.48 -0.10 -2.67
CA LEU C 132 29.30 0.76 -2.55
C LEU C 132 29.67 1.97 -1.71
N ALA C 133 29.84 3.12 -2.36
CA ALA C 133 30.22 4.33 -1.65
C ALA C 133 29.13 5.40 -1.58
N TYR C 134 29.21 6.22 -0.55
CA TYR C 134 28.27 7.32 -0.32
C TYR C 134 29.08 8.57 0.03
N SER C 135 28.94 9.62 -0.78
CA SER C 135 29.67 10.86 -0.54
C SER C 135 28.75 12.01 -0.15
N PRO C 136 28.94 12.57 1.05
CA PRO C 136 28.12 13.69 1.53
C PRO C 136 28.33 14.92 0.64
N PRO C 137 27.34 15.83 0.61
CA PRO C 137 27.41 17.04 -0.20
C PRO C 137 28.68 17.84 0.06
N GLY C 138 29.11 18.62 -0.92
CA GLY C 138 30.31 19.42 -0.73
C GLY C 138 31.29 19.40 -1.89
N ALA C 139 31.54 18.22 -2.45
CA ALA C 139 32.46 18.08 -3.56
C ALA C 139 31.78 17.45 -4.77
N ASP C 140 32.49 17.41 -5.90
CA ASP C 140 31.95 16.82 -7.12
C ASP C 140 31.77 15.32 -6.96
N VAL C 141 30.89 14.74 -7.78
CA VAL C 141 30.64 13.30 -7.74
C VAL C 141 31.93 12.55 -8.04
N PRO C 142 32.22 11.49 -7.28
CA PRO C 142 33.43 10.69 -7.49
C PRO C 142 33.57 10.22 -8.94
N ALA C 143 34.65 10.68 -9.58
CA ALA C 143 34.92 10.32 -10.97
C ALA C 143 35.74 9.04 -11.05
N THR C 144 36.46 8.74 -9.97
CA THR C 144 37.28 7.53 -9.89
C THR C 144 36.94 6.76 -8.63
N ARG C 145 37.38 5.51 -8.56
CA ARG C 145 37.10 4.68 -7.40
C ARG C 145 37.81 5.25 -6.17
N LYS C 146 38.97 5.84 -6.37
CA LYS C 146 39.74 6.42 -5.27
C LYS C 146 38.96 7.54 -4.60
N GLN C 147 38.34 8.39 -5.42
CA GLN C 147 37.56 9.51 -4.90
C GLN C 147 36.34 9.01 -4.13
N ALA C 148 35.68 7.98 -4.66
CA ALA C 148 34.50 7.42 -4.03
C ALA C 148 34.88 6.69 -2.74
N MET C 149 36.03 6.01 -2.78
CA MET C 149 36.54 5.27 -1.64
C MET C 149 36.85 6.14 -0.43
N LEU C 150 37.06 7.44 -0.66
CA LEU C 150 37.35 8.36 0.43
C LEU C 150 36.12 8.64 1.28
N GLY C 151 34.95 8.37 0.73
CA GLY C 151 33.72 8.61 1.46
C GLY C 151 33.20 7.36 2.15
N THR C 152 32.05 7.47 2.80
CA THR C 152 31.44 6.35 3.50
C THR C 152 31.15 5.23 2.51
N HIS C 153 31.97 4.18 2.53
CA HIS C 153 31.75 3.08 1.61
C HIS C 153 31.62 1.71 2.27
N MET C 154 31.16 0.74 1.48
CA MET C 154 30.96 -0.63 1.93
C MET C 154 31.45 -1.57 0.85
N ILE C 155 32.42 -2.42 1.17
CA ILE C 155 32.94 -3.38 0.22
C ILE C 155 32.17 -4.68 0.33
N TRP C 156 31.26 -4.90 -0.62
CA TRP C 156 30.43 -6.09 -0.64
C TRP C 156 31.07 -7.28 -1.35
N ASP C 157 31.19 -8.39 -0.62
CA ASP C 157 31.77 -9.60 -1.15
C ASP C 157 30.65 -10.61 -1.42
N ILE C 158 30.42 -10.89 -2.70
CA ILE C 158 29.38 -11.83 -3.08
C ILE C 158 29.70 -13.25 -2.63
N GLY C 159 28.71 -13.91 -2.05
CA GLY C 159 28.89 -15.28 -1.57
C GLY C 159 27.56 -15.92 -1.24
N LEU C 160 27.55 -16.82 -0.27
CA LEU C 160 26.32 -17.50 0.13
C LEU C 160 25.26 -16.47 0.52
N GLN C 161 25.67 -15.44 1.24
CA GLN C 161 24.77 -14.37 1.66
C GLN C 161 24.57 -13.48 0.44
N SER C 162 23.43 -13.65 -0.22
CA SER C 162 23.10 -12.90 -1.43
C SER C 162 23.04 -11.38 -1.26
N SER C 163 22.37 -10.92 -0.21
CA SER C 163 22.23 -9.49 0.01
C SER C 163 23.32 -8.83 0.87
N CYS C 164 23.45 -7.52 0.70
CA CYS C 164 24.43 -6.73 1.44
C CYS C 164 23.83 -5.34 1.65
N VAL C 165 23.86 -4.85 2.87
CA VAL C 165 23.28 -3.55 3.19
C VAL C 165 24.27 -2.39 3.28
N LEU C 166 23.93 -1.30 2.59
CA LEU C 166 24.74 -0.09 2.60
C LEU C 166 23.90 0.96 3.30
N CYS C 167 24.07 1.07 4.61
CA CYS C 167 23.30 2.04 5.38
C CYS C 167 23.85 3.45 5.21
N ILE C 168 23.04 4.32 4.64
CA ILE C 168 23.43 5.71 4.43
C ILE C 168 23.09 6.51 5.68
N PRO C 169 24.11 6.81 6.50
CA PRO C 169 23.91 7.56 7.73
C PRO C 169 23.38 8.96 7.51
N TRP C 170 22.63 9.47 8.47
CA TRP C 170 22.09 10.82 8.36
C TRP C 170 23.17 11.80 8.79
N ILE C 171 23.88 12.35 7.80
CA ILE C 171 24.93 13.31 8.06
C ILE C 171 24.51 14.64 7.47
N SER C 172 23.58 15.30 8.15
CA SER C 172 23.08 16.60 7.71
C SER C 172 23.44 17.70 8.69
N GLN C 173 23.39 18.93 8.22
CA GLN C 173 23.67 20.08 9.07
C GLN C 173 22.44 20.30 9.93
N THR C 174 21.28 20.40 9.27
CA THR C 174 20.00 20.61 9.95
C THR C 174 19.40 19.28 10.39
N HIS C 175 18.49 19.34 11.35
CA HIS C 175 17.82 18.15 11.86
C HIS C 175 16.95 17.49 10.81
N TYR C 176 16.33 18.32 9.97
CA TYR C 176 15.45 17.82 8.92
C TYR C 176 15.86 18.31 7.54
N ARG C 177 15.29 17.68 6.51
CA ARG C 177 15.55 18.05 5.13
C ARG C 177 14.21 18.07 4.39
N LEU C 178 14.15 18.84 3.31
CA LEU C 178 12.92 18.93 2.53
C LEU C 178 12.83 17.76 1.57
N VAL C 179 11.63 17.20 1.41
CA VAL C 179 11.47 16.09 0.48
C VAL C 179 11.72 16.68 -0.90
N GLN C 180 11.35 17.94 -1.05
CA GLN C 180 11.56 18.69 -2.29
C GLN C 180 12.95 19.30 -2.17
N GLN C 181 13.92 18.44 -1.90
CA GLN C 181 15.31 18.84 -1.73
C GLN C 181 15.87 19.81 -2.76
N ASP C 182 16.55 20.84 -2.25
CA ASP C 182 17.20 21.84 -3.07
C ASP C 182 18.68 21.69 -2.80
N GLU C 183 19.49 22.59 -3.34
CA GLU C 183 20.93 22.50 -3.13
C GLU C 183 21.31 22.69 -1.66
N TYR C 184 20.57 23.56 -0.97
CA TYR C 184 20.84 23.84 0.44
C TYR C 184 20.72 22.56 1.27
N THR C 185 19.61 21.84 1.07
CA THR C 185 19.37 20.60 1.81
C THR C 185 19.84 19.39 1.01
N SER C 186 20.99 19.52 0.35
CA SER C 186 21.55 18.43 -0.43
C SER C 186 21.90 17.28 0.50
N ALA C 187 21.83 16.06 -0.03
CA ALA C 187 22.13 14.87 0.78
C ALA C 187 23.40 14.16 0.33
N GLY C 188 23.80 14.38 -0.91
CA GLY C 188 24.99 13.74 -1.42
C GLY C 188 24.67 12.76 -2.54
N ASN C 189 25.62 11.90 -2.87
CA ASN C 189 25.44 10.93 -3.95
C ASN C 189 25.90 9.54 -3.54
N VAL C 190 25.49 8.55 -4.34
CA VAL C 190 25.86 7.15 -4.10
C VAL C 190 26.39 6.55 -5.39
N THR C 191 27.66 6.16 -5.38
CA THR C 191 28.28 5.57 -6.57
C THR C 191 28.79 4.16 -6.29
N CYS C 192 28.59 3.27 -7.25
CA CYS C 192 29.03 1.88 -7.11
C CYS C 192 30.15 1.57 -8.10
N TRP C 193 31.18 0.87 -7.62
CA TRP C 193 32.32 0.52 -8.46
C TRP C 193 32.70 -0.95 -8.28
N TYR C 194 33.69 -1.38 -9.05
CA TYR C 194 34.18 -2.76 -8.97
C TYR C 194 35.39 -2.79 -8.05
N GLN C 195 35.25 -3.43 -6.89
CA GLN C 195 36.34 -3.53 -5.95
C GLN C 195 37.42 -4.40 -6.60
N THR C 196 36.98 -5.50 -7.19
CA THR C 196 37.88 -6.42 -7.87
C THR C 196 37.30 -6.69 -9.26
N GLY C 197 36.39 -7.65 -9.33
CA GLY C 197 35.77 -8.00 -10.60
C GLY C 197 34.92 -9.24 -10.44
N ILE C 198 34.14 -9.56 -11.47
CA ILE C 198 33.28 -10.73 -11.42
C ILE C 198 33.85 -11.89 -12.21
N VAL C 199 34.48 -12.83 -11.51
CA VAL C 199 35.06 -14.00 -12.16
C VAL C 199 33.99 -15.09 -12.27
N VAL C 200 34.01 -15.83 -13.37
CA VAL C 200 33.03 -16.87 -13.60
C VAL C 200 33.62 -18.08 -14.31
N PRO C 201 33.12 -19.29 -14.01
CA PRO C 201 33.60 -20.53 -14.62
C PRO C 201 33.07 -20.68 -16.04
N PRO C 202 33.59 -21.66 -16.80
CA PRO C 202 33.13 -21.89 -18.17
C PRO C 202 31.67 -22.34 -18.17
N GLY C 203 30.96 -22.01 -19.24
CA GLY C 203 29.56 -22.41 -19.33
C GLY C 203 28.66 -21.72 -18.32
N THR C 204 28.93 -20.44 -18.07
CA THR C 204 28.14 -19.65 -17.13
C THR C 204 28.00 -18.23 -17.65
N PRO C 205 26.81 -17.64 -17.51
CA PRO C 205 26.55 -16.27 -17.97
C PRO C 205 27.65 -15.30 -17.55
N ASN C 206 27.84 -14.24 -18.34
CA ASN C 206 28.87 -13.24 -18.04
C ASN C 206 28.24 -11.95 -17.54
N LYS C 207 26.92 -11.83 -17.72
CA LYS C 207 26.19 -10.66 -17.27
C LYS C 207 25.24 -11.09 -16.16
N CYS C 208 25.22 -10.34 -15.07
CA CYS C 208 24.36 -10.67 -13.94
C CYS C 208 23.54 -9.46 -13.49
N VAL C 209 22.38 -9.75 -12.92
CA VAL C 209 21.49 -8.70 -12.43
C VAL C 209 21.68 -8.47 -10.94
N VAL C 210 21.69 -7.21 -10.54
CA VAL C 210 21.84 -6.85 -9.14
C VAL C 210 20.69 -5.92 -8.76
N LEU C 211 19.76 -6.44 -7.96
CA LEU C 211 18.61 -5.67 -7.54
C LEU C 211 18.95 -4.76 -6.37
N CYS C 212 18.26 -3.62 -6.30
CA CYS C 212 18.48 -2.66 -5.23
C CYS C 212 17.21 -2.41 -4.44
N PHE C 213 17.32 -2.46 -3.12
CA PHE C 213 16.18 -2.24 -2.24
C PHE C 213 16.43 -1.02 -1.36
N ALA C 214 15.38 -0.27 -1.07
CA ALA C 214 15.51 0.92 -0.24
C ALA C 214 14.42 1.00 0.82
N SER C 215 14.81 1.35 2.04
CA SER C 215 13.87 1.46 3.14
C SER C 215 14.44 2.36 4.23
N ALA C 216 13.58 2.85 5.12
CA ALA C 216 14.00 3.72 6.20
C ALA C 216 14.46 2.92 7.41
N CYS C 217 15.23 3.56 8.28
CA CYS C 217 15.74 2.92 9.47
C CYS C 217 14.87 3.26 10.67
N ASN C 218 15.29 2.82 11.85
CA ASN C 218 14.55 3.09 13.08
C ASN C 218 14.71 4.54 13.53
N ASP C 219 15.55 5.29 12.81
CA ASP C 219 15.78 6.69 13.16
C ASP C 219 15.17 7.63 12.13
N PHE C 220 14.35 7.10 11.25
CA PHE C 220 13.71 7.88 10.20
C PHE C 220 12.38 8.47 10.66
N SER C 221 11.97 9.57 10.02
CA SER C 221 10.71 10.23 10.36
C SER C 221 10.37 11.37 9.39
N VAL C 222 9.08 11.52 9.10
CA VAL C 222 8.59 12.57 8.21
C VAL C 222 7.99 13.64 9.12
N ARG C 223 7.57 14.78 8.56
CA ARG C 223 7.03 15.81 9.43
C ARG C 223 5.99 16.80 8.90
N MET C 224 6.13 17.25 7.66
CA MET C 224 5.18 18.23 7.12
C MET C 224 4.11 17.68 6.18
N LEU C 225 2.92 17.45 6.70
CA LEU C 225 1.82 16.93 5.89
C LEU C 225 1.49 17.79 4.68
N ARG C 226 1.51 17.19 3.50
CA ARG C 226 1.21 17.89 2.25
C ARG C 226 0.59 16.90 1.28
N ASP C 227 0.09 17.40 0.15
CA ASP C 227 -0.51 16.53 -0.86
C ASP C 227 0.56 16.04 -1.82
N THR C 228 0.43 14.77 -2.24
CA THR C 228 1.39 14.17 -3.15
C THR C 228 1.20 14.71 -4.57
N PRO C 229 2.31 15.04 -5.25
CA PRO C 229 2.26 15.57 -6.61
C PRO C 229 2.24 14.47 -7.68
N PHE C 230 1.85 13.25 -7.29
CA PHE C 230 1.80 12.15 -8.23
C PHE C 230 0.38 11.70 -8.55
N ILE C 231 -0.59 12.57 -8.33
CA ILE C 231 -1.97 12.21 -8.61
C ILE C 231 -2.83 13.46 -8.78
N GLY C 232 -3.62 13.48 -9.85
CA GLY C 232 -4.50 14.61 -10.11
C GLY C 232 -5.56 14.23 -11.11
N GLN C 233 -6.40 15.20 -11.47
CA GLN C 233 -7.47 14.95 -12.43
C GLN C 233 -7.92 16.26 -13.07
N THR C 234 -8.70 16.14 -14.13
CA THR C 234 -9.20 17.32 -14.84
C THR C 234 -10.72 17.46 -14.69
N ALA C 235 -11.34 16.45 -14.08
CA ALA C 235 -12.79 16.46 -13.88
C ALA C 235 -13.23 15.24 -13.06
N LEU C 236 -14.38 15.35 -12.41
CA LEU C 236 -14.91 14.26 -11.60
C LEU C 236 -14.95 12.95 -12.39
N LEU C 237 -14.45 11.89 -11.79
CA LEU C 237 -14.45 10.59 -12.44
C LEU C 237 -15.87 10.05 -12.49
N GLN C 238 -16.11 9.07 -13.36
CA GLN C 238 -17.43 8.48 -13.51
C GLN C 238 -17.33 7.01 -13.93
N MET D 1 -17.27 18.84 36.20
CA MET D 1 -17.76 17.96 35.10
C MET D 1 -16.84 16.75 34.93
N GLY D 2 -17.00 16.05 33.82
CA GLY D 2 -16.18 14.88 33.55
C GLY D 2 -14.90 15.29 32.83
N ALA D 3 -14.36 16.44 33.21
CA ALA D 3 -13.15 16.98 32.60
C ALA D 3 -12.00 15.97 32.63
N GLN D 4 -11.18 16.01 31.59
CA GLN D 4 -10.04 15.10 31.47
C GLN D 4 -8.83 15.86 30.92
N VAL D 5 -7.87 16.15 31.79
CA VAL D 5 -6.67 16.89 31.42
C VAL D 5 -5.59 15.99 30.80
N SER D 6 -5.10 16.40 29.63
CA SER D 6 -4.06 15.65 28.94
C SER D 6 -2.85 16.54 28.68
N THR D 7 -1.83 15.98 28.05
CA THR D 7 -0.61 16.73 27.75
C THR D 7 -0.60 17.25 26.32
N GLN D 8 -0.20 18.51 26.16
CA GLN D 8 -0.13 19.13 24.84
C GLN D 8 1.16 18.75 24.14
N LYS D 9 1.19 18.98 22.83
CA LYS D 9 2.37 18.67 22.03
C LYS D 9 3.39 19.79 22.25
N THR D 10 4.66 19.41 22.39
CA THR D 10 5.75 20.36 22.63
C THR D 10 5.59 21.66 21.81
N GLY D 11 5.92 22.79 22.44
CA GLY D 11 5.82 24.07 21.75
C GLY D 11 7.16 24.56 21.26
N ALA D 12 7.17 25.77 20.70
CA ALA D 12 8.40 26.37 20.18
C ALA D 12 9.14 27.16 21.24
N HIS D 13 8.89 26.81 22.51
CA HIS D 13 9.53 27.48 23.63
C HIS D 13 9.72 26.48 24.77
N GLU D 14 10.36 25.35 24.44
CA GLU D 14 10.59 24.30 25.44
C GLU D 14 12.08 24.01 25.58
N THR D 15 12.43 23.20 26.58
CA THR D 15 13.82 22.84 26.85
C THR D 15 14.73 24.07 26.86
N ILE D 24 2.57 24.08 32.58
CA ILE D 24 1.27 24.53 32.08
C ILE D 24 1.01 24.02 30.66
N ILE D 25 1.83 23.06 30.22
CA ILE D 25 1.69 22.50 28.89
C ILE D 25 0.71 21.32 28.89
N HIS D 26 -0.54 21.61 29.22
CA HIS D 26 -1.58 20.59 29.25
C HIS D 26 -2.92 21.26 28.93
N TYR D 27 -3.85 20.49 28.36
CA TYR D 27 -5.15 21.03 28.02
C TYR D 27 -6.26 20.23 28.68
N THR D 28 -7.46 20.80 28.72
CA THR D 28 -8.60 20.15 29.33
C THR D 28 -9.62 19.77 28.25
N ASN D 29 -10.34 18.67 28.46
CA ASN D 29 -11.33 18.23 27.50
C ASN D 29 -12.56 17.63 28.17
N ILE D 30 -13.73 17.89 27.58
CA ILE D 30 -14.98 17.38 28.09
C ILE D 30 -15.89 17.06 26.91
N ASN D 31 -16.44 15.85 26.89
CA ASN D 31 -17.32 15.46 25.80
C ASN D 31 -18.73 15.93 26.11
N TYR D 32 -19.35 16.60 25.15
CA TYR D 32 -20.69 17.13 25.34
C TYR D 32 -21.78 16.26 24.70
N TYR D 33 -21.38 15.46 23.71
CA TYR D 33 -22.33 14.61 23.00
C TYR D 33 -22.39 13.18 23.52
N LYS D 34 -23.54 12.54 23.31
CA LYS D 34 -23.79 11.17 23.77
C LYS D 34 -23.14 10.07 22.93
N ASP D 35 -22.80 10.38 21.69
CA ASP D 35 -22.19 9.40 20.80
C ASP D 35 -20.68 9.59 20.71
N ALA D 36 -19.94 8.49 20.84
CA ALA D 36 -18.49 8.53 20.77
C ALA D 36 -18.00 9.03 19.42
N ALA D 37 -18.85 8.93 18.41
CA ALA D 37 -18.51 9.37 17.06
C ALA D 37 -18.40 10.89 17.00
N SER D 38 -18.94 11.55 18.01
CA SER D 38 -18.93 13.02 18.07
C SER D 38 -17.61 13.56 18.61
N ASN D 39 -16.88 12.73 19.34
CA ASN D 39 -15.60 13.14 19.92
C ASN D 39 -14.58 13.52 18.86
N SER D 40 -13.54 14.25 19.27
CA SER D 40 -12.49 14.67 18.36
C SER D 40 -11.54 13.52 18.05
N ALA D 41 -10.75 13.69 17.00
CA ALA D 41 -9.80 12.66 16.58
C ALA D 41 -8.83 12.26 17.69
N ASN D 42 -8.24 11.08 17.55
CA ASN D 42 -7.28 10.55 18.52
C ASN D 42 -5.87 10.79 17.98
N ARG D 43 -5.49 12.06 17.90
CA ARG D 43 -4.19 12.45 17.38
C ARG D 43 -3.02 12.12 18.31
N GLN D 44 -3.31 11.48 19.45
CA GLN D 44 -2.26 11.16 20.40
C GLN D 44 -2.08 9.67 20.71
N ASP D 45 -2.34 8.82 19.71
CA ASP D 45 -2.18 7.38 19.87
C ASP D 45 -0.89 7.01 19.13
N PHE D 46 0.18 6.82 19.89
CA PHE D 46 1.47 6.50 19.28
C PHE D 46 1.93 5.06 19.48
N THR D 47 1.23 4.12 18.83
CA THR D 47 1.58 2.71 18.92
C THR D 47 2.35 2.30 17.67
N GLN D 48 3.25 1.33 17.81
CA GLN D 48 4.03 0.86 16.67
C GLN D 48 4.41 -0.61 16.78
N ASP D 49 4.54 -1.25 15.62
CA ASP D 49 4.91 -2.66 15.55
C ASP D 49 5.21 -3.04 14.10
N PRO D 50 6.30 -2.49 13.54
CA PRO D 50 6.72 -2.75 12.16
C PRO D 50 6.99 -4.22 11.87
N GLY D 51 7.21 -5.00 12.92
CA GLY D 51 7.49 -6.42 12.77
C GLY D 51 6.58 -7.12 11.78
N LYS D 52 5.31 -6.75 11.78
CA LYS D 52 4.34 -7.37 10.87
C LYS D 52 4.79 -7.34 9.42
N PHE D 53 5.38 -6.22 9.02
CA PHE D 53 5.82 -6.03 7.64
C PHE D 53 7.31 -6.16 7.39
N THR D 54 8.12 -5.79 8.36
CA THR D 54 9.57 -5.86 8.20
C THR D 54 10.20 -7.19 8.59
N GLU D 55 9.61 -7.88 9.56
CA GLU D 55 10.14 -9.15 10.01
C GLU D 55 9.09 -10.23 10.21
N PRO D 56 8.25 -10.48 9.19
CA PRO D 56 7.20 -11.50 9.29
C PRO D 56 7.72 -12.92 9.10
N VAL D 57 8.91 -13.19 9.60
CA VAL D 57 9.52 -14.52 9.47
C VAL D 57 9.15 -15.43 10.65
N LYS D 58 9.13 -16.73 10.40
CA LYS D 58 8.79 -17.71 11.42
C LYS D 58 9.96 -17.95 12.38
N ASP D 59 11.18 -17.83 11.87
CA ASP D 59 12.36 -18.03 12.71
C ASP D 59 13.07 -16.70 12.93
N ILE D 60 13.14 -16.27 14.19
CA ILE D 60 13.79 -15.01 14.52
C ILE D 60 15.18 -14.93 13.90
N MET D 61 15.45 -13.81 13.25
CA MET D 61 16.74 -13.60 12.60
C MET D 61 17.55 -12.54 13.34
N ILE D 62 18.71 -12.95 13.85
CA ILE D 62 19.58 -12.05 14.58
C ILE D 62 20.45 -11.24 13.62
N LYS D 63 20.29 -9.92 13.66
CA LYS D 63 21.02 -9.00 12.80
C LYS D 63 22.49 -9.36 12.59
N THR D 64 23.24 -9.47 13.68
CA THR D 64 24.66 -9.78 13.63
C THR D 64 25.00 -11.19 13.15
N MET D 65 24.02 -11.89 12.60
CA MET D 65 24.25 -13.24 12.10
C MET D 65 23.85 -13.43 10.65
N PRO D 66 24.27 -14.55 10.04
CA PRO D 66 23.95 -14.84 8.64
C PRO D 66 22.47 -15.19 8.48
N ALA D 67 21.83 -14.63 7.46
CA ALA D 67 20.42 -14.89 7.20
C ALA D 67 20.22 -16.39 6.94
N LEU D 68 21.17 -17.00 6.26
CA LEU D 68 21.09 -18.42 5.94
C LEU D 68 22.37 -19.13 6.36
N ASN D 69 22.22 -20.34 6.89
CA ASN D 69 23.37 -21.12 7.34
C ASN D 69 22.97 -22.57 7.58
O1 DAO E . -14.14 4.86 1.68
O2 DAO E . -14.37 2.65 1.62
C1 DAO E . -14.83 3.89 1.91
C2 DAO E . -16.22 4.03 2.51
C3 DAO E . -16.54 5.48 2.89
C4 DAO E . -17.83 5.50 3.71
C5 DAO E . -18.36 6.93 3.79
C6 DAO E . -19.77 6.90 4.39
C7 DAO E . -20.45 8.24 4.15
C8 DAO E . -21.89 8.20 4.66
C9 DAO E . -22.51 9.59 4.54
C10 DAO E . -23.70 9.72 5.49
C11 DAO E . -24.14 11.18 5.53
C12 DAO E . -25.12 11.38 6.69
#